data_2BKF
# 
_entry.id   2BKF 
# 
_audit_conform.dict_name       mmcif_pdbx.dic 
_audit_conform.dict_version    5.391 
_audit_conform.dict_location   http://mmcif.pdb.org/dictionaries/ascii/mmcif_pdbx.dic 
# 
loop_
_database_2.database_id 
_database_2.database_code 
_database_2.pdbx_database_accession 
_database_2.pdbx_DOI 
PDB   2BKF         pdb_00002bkf 10.2210/pdb2bkf/pdb 
PDBE  EBI-22990    ?            ?                   
WWPDB D_1290022990 ?            ?                   
# 
loop_
_pdbx_audit_revision_history.ordinal 
_pdbx_audit_revision_history.data_content_type 
_pdbx_audit_revision_history.major_revision 
_pdbx_audit_revision_history.minor_revision 
_pdbx_audit_revision_history.revision_date 
1 'Structure model' 1 0 2006-01-18 
2 'Structure model' 1 1 2011-07-13 
3 'Structure model' 1 2 2019-07-24 
4 'Structure model' 1 3 2024-05-08 
# 
_pdbx_audit_revision_details.ordinal             1 
_pdbx_audit_revision_details.revision_ordinal    1 
_pdbx_audit_revision_details.data_content_type   'Structure model' 
_pdbx_audit_revision_details.provider            repository 
_pdbx_audit_revision_details.type                'Initial release' 
_pdbx_audit_revision_details.description         ? 
_pdbx_audit_revision_details.details             ? 
# 
loop_
_pdbx_audit_revision_group.ordinal 
_pdbx_audit_revision_group.revision_ordinal 
_pdbx_audit_revision_group.data_content_type 
_pdbx_audit_revision_group.group 
1 2 'Structure model' Advisory                    
2 2 'Structure model' 'Version format compliance' 
3 3 'Structure model' 'Data collection'           
4 4 'Structure model' 'Data collection'           
5 4 'Structure model' 'Database references'       
6 4 'Structure model' Other                       
# 
loop_
_pdbx_audit_revision_category.ordinal 
_pdbx_audit_revision_category.revision_ordinal 
_pdbx_audit_revision_category.data_content_type 
_pdbx_audit_revision_category.category 
1 3 'Structure model' diffrn_source        
2 4 'Structure model' chem_comp_atom       
3 4 'Structure model' chem_comp_bond       
4 4 'Structure model' database_2           
5 4 'Structure model' pdbx_database_status 
# 
loop_
_pdbx_audit_revision_item.ordinal 
_pdbx_audit_revision_item.revision_ordinal 
_pdbx_audit_revision_item.data_content_type 
_pdbx_audit_revision_item.item 
1 3 'Structure model' '_diffrn_source.pdbx_synchrotron_site' 
2 4 'Structure model' '_database_2.pdbx_DOI'                 
3 4 'Structure model' '_database_2.pdbx_database_accession'  
4 4 'Structure model' '_pdbx_database_status.status_code_sf' 
# 
_pdbx_database_status.status_code                     REL 
_pdbx_database_status.entry_id                        2BKF 
_pdbx_database_status.deposit_site                    PDBE 
_pdbx_database_status.process_site                    PDBE 
_pdbx_database_status.SG_entry                        . 
_pdbx_database_status.recvd_initial_deposition_date   2005-02-16 
_pdbx_database_status.pdb_format_compatible           Y 
_pdbx_database_status.status_code_sf                  REL 
_pdbx_database_status.status_code_mr                  ? 
_pdbx_database_status.status_code_cs                  ? 
_pdbx_database_status.methods_development_category    ? 
_pdbx_database_status.status_code_nmr_data            ? 
# 
loop_
_pdbx_database_related.db_name 
_pdbx_database_related.db_id 
_pdbx_database_related.content_type 
_pdbx_database_related.details 
PDB 1WJ6 unspecified 'SOLUTION STRUCTURE OF RSGI RUH-024, A PB1 DOMAIN IN HUMANCDNA, KIAA0049' 
PDB 2CP8 unspecified 
'SOLUTION STRUCTURE OF THE RSGI RUH-046, A UBA DOMAIN FROMHUMAN NEXT TO BRCA1 GENE 1 PROTEIN (KIAA0049 PROTEIN)R923H VARIANT' 
# 
loop_
_audit_author.name 
_audit_author.pdbx_ordinal 
'Mueller, S.'  1 
'Kursula, I.'  2 
'Wilmanns, M.' 3 
# 
_citation.id                        primary 
_citation.title                     'Crystal Structure of the Pb1 Domain of Nbr1' 
_citation.journal_abbrev            'FEBS Lett.' 
_citation.journal_volume            580 
_citation.page_first                341 
_citation.page_last                 ? 
_citation.year                      2006 
_citation.journal_id_ASTM           FEBLAL 
_citation.country                   NE 
_citation.journal_id_ISSN           0014-5793 
_citation.journal_id_CSD            0165 
_citation.book_publisher            ? 
_citation.pdbx_database_id_PubMed   16376336 
_citation.pdbx_database_id_DOI      10.1016/J.FEBSLET.2005.12.021 
# 
loop_
_citation_author.citation_id 
_citation_author.name 
_citation_author.ordinal 
_citation_author.identifier_ORCID 
primary 'Mueller, S.'  1 ? 
primary 'Kursula, I.'  2 ? 
primary 'Zou, P.'      3 ? 
primary 'Wilmanns, M.' 4 ? 
# 
loop_
_entity.id 
_entity.type 
_entity.src_method 
_entity.pdbx_description 
_entity.formula_weight 
_entity.pdbx_number_of_molecules 
_entity.pdbx_ec 
_entity.pdbx_mutation 
_entity.pdbx_fragment 
_entity.details 
1 polymer     man 'ZINC-FINGER PROTEIN NBR1 (NEXT TO BREAST CANCER 1)' 9870.903 1  ? ? 'RESIDUES 1-85 (PB1 INTERACTION DOMAIN)' ? 
2 non-polymer syn GLYCEROL                                             92.094   2  ? ? ?                                        ? 
3 water       nat water                                                18.015   94 ? ? ?                                        ? 
# 
_entity_name_com.entity_id   1 
_entity_name_com.name        'PB1 DOMAIN OF NBR1, NEXT TO BRCA1 GENE 1 PROTEIN, 1A1-3B' 
# 
_entity_poly.entity_id                      1 
_entity_poly.type                           'polypeptide(L)' 
_entity_poly.nstd_linkage                   no 
_entity_poly.nstd_monomer                   no 
_entity_poly.pdbx_seq_one_letter_code       
;GAMEPQVTLNVTFKNEIQSFLVSDPENTTWADIEAMVKVSFDLNTIQIKYLDEENEEVSINSQGEYEEALKMAVKQGNQL
QMQVHEG
;
_entity_poly.pdbx_seq_one_letter_code_can   
;GAMEPQVTLNVTFKNEIQSFLVSDPENTTWADIEAMVKVSFDLNTIQIKYLDEENEEVSINSQGEYEEALKMAVKQGNQL
QMQVHEG
;
_entity_poly.pdbx_strand_id                 A 
_entity_poly.pdbx_target_identifier         ? 
# 
loop_
_pdbx_entity_nonpoly.entity_id 
_pdbx_entity_nonpoly.name 
_pdbx_entity_nonpoly.comp_id 
2 GLYCEROL GOL 
3 water    HOH 
# 
loop_
_entity_poly_seq.entity_id 
_entity_poly_seq.num 
_entity_poly_seq.mon_id 
_entity_poly_seq.hetero 
1 1  GLY n 
1 2  ALA n 
1 3  MET n 
1 4  GLU n 
1 5  PRO n 
1 6  GLN n 
1 7  VAL n 
1 8  THR n 
1 9  LEU n 
1 10 ASN n 
1 11 VAL n 
1 12 THR n 
1 13 PHE n 
1 14 LYS n 
1 15 ASN n 
1 16 GLU n 
1 17 ILE n 
1 18 GLN n 
1 19 SER n 
1 20 PHE n 
1 21 LEU n 
1 22 VAL n 
1 23 SER n 
1 24 ASP n 
1 25 PRO n 
1 26 GLU n 
1 27 ASN n 
1 28 THR n 
1 29 THR n 
1 30 TRP n 
1 31 ALA n 
1 32 ASP n 
1 33 ILE n 
1 34 GLU n 
1 35 ALA n 
1 36 MET n 
1 37 VAL n 
1 38 LYS n 
1 39 VAL n 
1 40 SER n 
1 41 PHE n 
1 42 ASP n 
1 43 LEU n 
1 44 ASN n 
1 45 THR n 
1 46 ILE n 
1 47 GLN n 
1 48 ILE n 
1 49 LYS n 
1 50 TYR n 
1 51 LEU n 
1 52 ASP n 
1 53 GLU n 
1 54 GLU n 
1 55 ASN n 
1 56 GLU n 
1 57 GLU n 
1 58 VAL n 
1 59 SER n 
1 60 ILE n 
1 61 ASN n 
1 62 SER n 
1 63 GLN n 
1 64 GLY n 
1 65 GLU n 
1 66 TYR n 
1 67 GLU n 
1 68 GLU n 
1 69 ALA n 
1 70 LEU n 
1 71 LYS n 
1 72 MET n 
1 73 ALA n 
1 74 VAL n 
1 75 LYS n 
1 76 GLN n 
1 77 GLY n 
1 78 ASN n 
1 79 GLN n 
1 80 LEU n 
1 81 GLN n 
1 82 MET n 
1 83 GLN n 
1 84 VAL n 
1 85 HIS n 
1 86 GLU n 
1 87 GLY n 
# 
_entity_src_gen.entity_id                          1 
_entity_src_gen.pdbx_src_id                        1 
_entity_src_gen.pdbx_alt_source_flag               sample 
_entity_src_gen.pdbx_seq_type                      ? 
_entity_src_gen.pdbx_beg_seq_num                   ? 
_entity_src_gen.pdbx_end_seq_num                   ? 
_entity_src_gen.gene_src_common_name               HUMAN 
_entity_src_gen.gene_src_genus                     ? 
_entity_src_gen.pdbx_gene_src_gene                 ? 
_entity_src_gen.gene_src_species                   ? 
_entity_src_gen.gene_src_strain                    ? 
_entity_src_gen.gene_src_tissue                    ? 
_entity_src_gen.gene_src_tissue_fraction           ? 
_entity_src_gen.gene_src_details                   ? 
_entity_src_gen.pdbx_gene_src_fragment             ? 
_entity_src_gen.pdbx_gene_src_scientific_name      'HOMO SAPIENS' 
_entity_src_gen.pdbx_gene_src_ncbi_taxonomy_id     9606 
_entity_src_gen.pdbx_gene_src_variant              ? 
_entity_src_gen.pdbx_gene_src_cell_line            ? 
_entity_src_gen.pdbx_gene_src_atcc                 ? 
_entity_src_gen.pdbx_gene_src_organ                ? 
_entity_src_gen.pdbx_gene_src_organelle            ? 
_entity_src_gen.pdbx_gene_src_cell                 ? 
_entity_src_gen.pdbx_gene_src_cellular_location    ? 
_entity_src_gen.host_org_common_name               ? 
_entity_src_gen.pdbx_host_org_scientific_name      'ESCHERICHIA COLI' 
_entity_src_gen.pdbx_host_org_ncbi_taxonomy_id     469008 
_entity_src_gen.host_org_genus                     ? 
_entity_src_gen.pdbx_host_org_gene                 ? 
_entity_src_gen.pdbx_host_org_organ                ? 
_entity_src_gen.host_org_species                   ? 
_entity_src_gen.pdbx_host_org_tissue               ? 
_entity_src_gen.pdbx_host_org_tissue_fraction      ? 
_entity_src_gen.pdbx_host_org_strain               'BL21(DE3)' 
_entity_src_gen.pdbx_host_org_variant              ? 
_entity_src_gen.pdbx_host_org_cell_line            ? 
_entity_src_gen.pdbx_host_org_atcc                 ? 
_entity_src_gen.pdbx_host_org_culture_collection   ? 
_entity_src_gen.pdbx_host_org_cell                 ? 
_entity_src_gen.pdbx_host_org_organelle            ? 
_entity_src_gen.pdbx_host_org_cellular_location    ? 
_entity_src_gen.pdbx_host_org_vector_type          PLASMID 
_entity_src_gen.pdbx_host_org_vector               ? 
_entity_src_gen.host_org_details                   ? 
_entity_src_gen.expression_system_id               ? 
_entity_src_gen.plasmid_name                       PETM11 
_entity_src_gen.plasmid_details                    ? 
_entity_src_gen.pdbx_description                   ? 
# 
loop_
_chem_comp.id 
_chem_comp.type 
_chem_comp.mon_nstd_flag 
_chem_comp.name 
_chem_comp.pdbx_synonyms 
_chem_comp.formula 
_chem_comp.formula_weight 
ALA 'L-peptide linking' y ALANINE         ?                               'C3 H7 N O2'     89.093  
ASN 'L-peptide linking' y ASPARAGINE      ?                               'C4 H8 N2 O3'    132.118 
ASP 'L-peptide linking' y 'ASPARTIC ACID' ?                               'C4 H7 N O4'     133.103 
GLN 'L-peptide linking' y GLUTAMINE       ?                               'C5 H10 N2 O3'   146.144 
GLU 'L-peptide linking' y 'GLUTAMIC ACID' ?                               'C5 H9 N O4'     147.129 
GLY 'peptide linking'   y GLYCINE         ?                               'C2 H5 N O2'     75.067  
GOL non-polymer         . GLYCEROL        'GLYCERIN; PROPANE-1,2,3-TRIOL' 'C3 H8 O3'       92.094  
HIS 'L-peptide linking' y HISTIDINE       ?                               'C6 H10 N3 O2 1' 156.162 
HOH non-polymer         . WATER           ?                               'H2 O'           18.015  
ILE 'L-peptide linking' y ISOLEUCINE      ?                               'C6 H13 N O2'    131.173 
LEU 'L-peptide linking' y LEUCINE         ?                               'C6 H13 N O2'    131.173 
LYS 'L-peptide linking' y LYSINE          ?                               'C6 H15 N2 O2 1' 147.195 
MET 'L-peptide linking' y METHIONINE      ?                               'C5 H11 N O2 S'  149.211 
PHE 'L-peptide linking' y PHENYLALANINE   ?                               'C9 H11 N O2'    165.189 
PRO 'L-peptide linking' y PROLINE         ?                               'C5 H9 N O2'     115.130 
SER 'L-peptide linking' y SERINE          ?                               'C3 H7 N O3'     105.093 
THR 'L-peptide linking' y THREONINE       ?                               'C4 H9 N O3'     119.119 
TRP 'L-peptide linking' y TRYPTOPHAN      ?                               'C11 H12 N2 O2'  204.225 
TYR 'L-peptide linking' y TYROSINE        ?                               'C9 H11 N O3'    181.189 
VAL 'L-peptide linking' y VALINE          ?                               'C5 H11 N O2'    117.146 
# 
loop_
_pdbx_poly_seq_scheme.asym_id 
_pdbx_poly_seq_scheme.entity_id 
_pdbx_poly_seq_scheme.seq_id 
_pdbx_poly_seq_scheme.mon_id 
_pdbx_poly_seq_scheme.ndb_seq_num 
_pdbx_poly_seq_scheme.pdb_seq_num 
_pdbx_poly_seq_scheme.auth_seq_num 
_pdbx_poly_seq_scheme.pdb_mon_id 
_pdbx_poly_seq_scheme.auth_mon_id 
_pdbx_poly_seq_scheme.pdb_strand_id 
_pdbx_poly_seq_scheme.pdb_ins_code 
_pdbx_poly_seq_scheme.hetero 
A 1 1  GLY 1  -1 ?  ?   ?   A . n 
A 1 2  ALA 2  0  0  ALA ALA A . n 
A 1 3  MET 3  1  1  MET MET A . n 
A 1 4  GLU 4  2  2  GLU GLU A . n 
A 1 5  PRO 5  3  3  PRO PRO A . n 
A 1 6  GLN 6  4  4  GLN GLN A . n 
A 1 7  VAL 7  5  5  VAL VAL A . n 
A 1 8  THR 8  6  6  THR THR A . n 
A 1 9  LEU 9  7  7  LEU LEU A . n 
A 1 10 ASN 10 8  8  ASN ASN A . n 
A 1 11 VAL 11 9  9  VAL VAL A . n 
A 1 12 THR 12 10 10 THR THR A . n 
A 1 13 PHE 13 11 11 PHE PHE A . n 
A 1 14 LYS 14 12 12 LYS LYS A . n 
A 1 15 ASN 15 13 13 ASN ASN A . n 
A 1 16 GLU 16 14 14 GLU GLU A . n 
A 1 17 ILE 17 15 15 ILE ILE A . n 
A 1 18 GLN 18 16 16 GLN GLN A . n 
A 1 19 SER 19 17 17 SER SER A . n 
A 1 20 PHE 20 18 18 PHE PHE A . n 
A 1 21 LEU 21 19 19 LEU LEU A . n 
A 1 22 VAL 22 20 20 VAL VAL A . n 
A 1 23 SER 23 21 21 SER SER A . n 
A 1 24 ASP 24 22 22 ASP ASP A . n 
A 1 25 PRO 25 23 23 PRO PRO A . n 
A 1 26 GLU 26 24 24 GLU GLU A . n 
A 1 27 ASN 27 25 25 ASN ASN A . n 
A 1 28 THR 28 26 26 THR THR A . n 
A 1 29 THR 29 27 27 THR THR A . n 
A 1 30 TRP 30 28 28 TRP TRP A . n 
A 1 31 ALA 31 29 29 ALA ALA A . n 
A 1 32 ASP 32 30 30 ASP ASP A . n 
A 1 33 ILE 33 31 31 ILE ILE A . n 
A 1 34 GLU 34 32 32 GLU GLU A . n 
A 1 35 ALA 35 33 33 ALA ALA A . n 
A 1 36 MET 36 34 34 MET MET A . n 
A 1 37 VAL 37 35 35 VAL VAL A . n 
A 1 38 LYS 38 36 36 LYS LYS A . n 
A 1 39 VAL 39 37 37 VAL VAL A . n 
A 1 40 SER 40 38 38 SER SER A . n 
A 1 41 PHE 41 39 39 PHE PHE A . n 
A 1 42 ASP 42 40 40 ASP ASP A . n 
A 1 43 LEU 43 41 41 LEU LEU A . n 
A 1 44 ASN 44 42 42 ASN ASN A . n 
A 1 45 THR 45 43 43 THR THR A . n 
A 1 46 ILE 46 44 44 ILE ILE A . n 
A 1 47 GLN 47 45 45 GLN GLN A . n 
A 1 48 ILE 48 46 46 ILE ILE A . n 
A 1 49 LYS 49 47 47 LYS LYS A . n 
A 1 50 TYR 50 48 48 TYR TYR A . n 
A 1 51 LEU 51 49 49 LEU LEU A . n 
A 1 52 ASP 52 50 50 ASP ASP A . n 
A 1 53 GLU 53 51 51 GLU GLU A . n 
A 1 54 GLU 54 52 52 GLU GLU A . n 
A 1 55 ASN 55 53 53 ASN ASN A . n 
A 1 56 GLU 56 54 54 GLU GLU A . n 
A 1 57 GLU 57 55 55 GLU GLU A . n 
A 1 58 VAL 58 56 56 VAL VAL A . n 
A 1 59 SER 59 57 57 SER SER A . n 
A 1 60 ILE 60 58 58 ILE ILE A . n 
A 1 61 ASN 61 59 59 ASN ASN A . n 
A 1 62 SER 62 60 60 SER SER A . n 
A 1 63 GLN 63 61 61 GLN GLN A . n 
A 1 64 GLY 64 62 62 GLY GLY A . n 
A 1 65 GLU 65 63 63 GLU GLU A . n 
A 1 66 TYR 66 64 64 TYR TYR A . n 
A 1 67 GLU 67 65 65 GLU GLU A . n 
A 1 68 GLU 68 66 66 GLU GLU A . n 
A 1 69 ALA 69 67 67 ALA ALA A . n 
A 1 70 LEU 70 68 68 LEU LEU A . n 
A 1 71 LYS 71 69 69 LYS LYS A . n 
A 1 72 MET 72 70 70 MET MET A . n 
A 1 73 ALA 73 71 71 ALA ALA A . n 
A 1 74 VAL 74 72 72 VAL VAL A . n 
A 1 75 LYS 75 73 73 LYS LYS A . n 
A 1 76 GLN 76 74 74 GLN GLN A . n 
A 1 77 GLY 77 75 75 GLY GLY A . n 
A 1 78 ASN 78 76 76 ASN ASN A . n 
A 1 79 GLN 79 77 77 GLN GLN A . n 
A 1 80 LEU 80 78 78 LEU LEU A . n 
A 1 81 GLN 81 79 79 GLN GLN A . n 
A 1 82 MET 82 80 80 MET MET A . n 
A 1 83 GLN 83 81 81 GLN GLN A . n 
A 1 84 VAL 84 82 82 VAL VAL A . n 
A 1 85 HIS 85 83 83 HIS HIS A . n 
A 1 86 GLU 86 84 84 GLU GLU A . n 
A 1 87 GLY 87 85 85 GLY GLY A . n 
# 
loop_
_pdbx_nonpoly_scheme.asym_id 
_pdbx_nonpoly_scheme.entity_id 
_pdbx_nonpoly_scheme.mon_id 
_pdbx_nonpoly_scheme.ndb_seq_num 
_pdbx_nonpoly_scheme.pdb_seq_num 
_pdbx_nonpoly_scheme.auth_seq_num 
_pdbx_nonpoly_scheme.pdb_mon_id 
_pdbx_nonpoly_scheme.auth_mon_id 
_pdbx_nonpoly_scheme.pdb_strand_id 
_pdbx_nonpoly_scheme.pdb_ins_code 
B 2 GOL 1  1086 1086 GOL GOL A . 
C 2 GOL 1  1087 1087 GOL GOL A . 
D 3 HOH 1  2001 2001 HOH HOH A . 
D 3 HOH 2  2002 2002 HOH HOH A . 
D 3 HOH 3  2003 2003 HOH HOH A . 
D 3 HOH 4  2004 2004 HOH HOH A . 
D 3 HOH 5  2005 2005 HOH HOH A . 
D 3 HOH 6  2006 2006 HOH HOH A . 
D 3 HOH 7  2007 2007 HOH HOH A . 
D 3 HOH 8  2008 2008 HOH HOH A . 
D 3 HOH 9  2009 2009 HOH HOH A . 
D 3 HOH 10 2010 2010 HOH HOH A . 
D 3 HOH 11 2011 2011 HOH HOH A . 
D 3 HOH 12 2012 2012 HOH HOH A . 
D 3 HOH 13 2013 2013 HOH HOH A . 
D 3 HOH 14 2014 2014 HOH HOH A . 
D 3 HOH 15 2015 2015 HOH HOH A . 
D 3 HOH 16 2016 2016 HOH HOH A . 
D 3 HOH 17 2017 2017 HOH HOH A . 
D 3 HOH 18 2018 2018 HOH HOH A . 
D 3 HOH 19 2019 2019 HOH HOH A . 
D 3 HOH 20 2020 2020 HOH HOH A . 
D 3 HOH 21 2021 2021 HOH HOH A . 
D 3 HOH 22 2022 2022 HOH HOH A . 
D 3 HOH 23 2023 2023 HOH HOH A . 
D 3 HOH 24 2024 2024 HOH HOH A . 
D 3 HOH 25 2025 2025 HOH HOH A . 
D 3 HOH 26 2026 2026 HOH HOH A . 
D 3 HOH 27 2027 2027 HOH HOH A . 
D 3 HOH 28 2028 2028 HOH HOH A . 
D 3 HOH 29 2029 2029 HOH HOH A . 
D 3 HOH 30 2030 2030 HOH HOH A . 
D 3 HOH 31 2031 2031 HOH HOH A . 
D 3 HOH 32 2032 2032 HOH HOH A . 
D 3 HOH 33 2033 2033 HOH HOH A . 
D 3 HOH 34 2034 2034 HOH HOH A . 
D 3 HOH 35 2035 2035 HOH HOH A . 
D 3 HOH 36 2036 2036 HOH HOH A . 
D 3 HOH 37 2037 2037 HOH HOH A . 
D 3 HOH 38 2038 2038 HOH HOH A . 
D 3 HOH 39 2039 2039 HOH HOH A . 
D 3 HOH 40 2040 2040 HOH HOH A . 
D 3 HOH 41 2041 2041 HOH HOH A . 
D 3 HOH 42 2042 2042 HOH HOH A . 
D 3 HOH 43 2043 2043 HOH HOH A . 
D 3 HOH 44 2044 2044 HOH HOH A . 
D 3 HOH 45 2045 2045 HOH HOH A . 
D 3 HOH 46 2046 2046 HOH HOH A . 
D 3 HOH 47 2047 2047 HOH HOH A . 
D 3 HOH 48 2048 2048 HOH HOH A . 
D 3 HOH 49 2049 2049 HOH HOH A . 
D 3 HOH 50 2050 2050 HOH HOH A . 
D 3 HOH 51 2051 2051 HOH HOH A . 
D 3 HOH 52 2052 2052 HOH HOH A . 
D 3 HOH 53 2053 2053 HOH HOH A . 
D 3 HOH 54 2054 2054 HOH HOH A . 
D 3 HOH 55 2055 2055 HOH HOH A . 
D 3 HOH 56 2056 2056 HOH HOH A . 
D 3 HOH 57 2057 2057 HOH HOH A . 
D 3 HOH 58 2058 2058 HOH HOH A . 
D 3 HOH 59 2059 2059 HOH HOH A . 
D 3 HOH 60 2060 2060 HOH HOH A . 
D 3 HOH 61 2061 2061 HOH HOH A . 
D 3 HOH 62 2062 2062 HOH HOH A . 
D 3 HOH 63 2063 2063 HOH HOH A . 
D 3 HOH 64 2064 2064 HOH HOH A . 
D 3 HOH 65 2065 2065 HOH HOH A . 
D 3 HOH 66 2066 2066 HOH HOH A . 
D 3 HOH 67 2067 2067 HOH HOH A . 
D 3 HOH 68 2068 2068 HOH HOH A . 
D 3 HOH 69 2069 2069 HOH HOH A . 
D 3 HOH 70 2070 2070 HOH HOH A . 
D 3 HOH 71 2071 2071 HOH HOH A . 
D 3 HOH 72 2072 2072 HOH HOH A . 
D 3 HOH 73 2073 2073 HOH HOH A . 
D 3 HOH 74 2074 2074 HOH HOH A . 
D 3 HOH 75 2075 2075 HOH HOH A . 
D 3 HOH 76 2076 2076 HOH HOH A . 
D 3 HOH 77 2077 2077 HOH HOH A . 
D 3 HOH 78 2078 2078 HOH HOH A . 
D 3 HOH 79 2079 2079 HOH HOH A . 
D 3 HOH 80 2080 2080 HOH HOH A . 
D 3 HOH 81 2081 2081 HOH HOH A . 
D 3 HOH 82 2082 2082 HOH HOH A . 
D 3 HOH 83 2083 2083 HOH HOH A . 
D 3 HOH 84 2084 2084 HOH HOH A . 
D 3 HOH 85 2085 2085 HOH HOH A . 
D 3 HOH 86 2086 2086 HOH HOH A . 
D 3 HOH 87 2087 2087 HOH HOH A . 
D 3 HOH 88 2088 2088 HOH HOH A . 
D 3 HOH 89 2089 2089 HOH HOH A . 
D 3 HOH 90 2090 2090 HOH HOH A . 
D 3 HOH 91 2091 2091 HOH HOH A . 
D 3 HOH 92 2092 2092 HOH HOH A . 
D 3 HOH 93 2093 2093 HOH HOH A . 
D 3 HOH 94 2094 2094 HOH HOH A . 
# 
loop_
_software.name 
_software.classification 
_software.version 
_software.citation_id 
_software.pdbx_ordinal 
REFMAC    refinement       5.2.0005 ? 1 
DENZO     'data reduction' .        ? 2 
SCALEPACK 'data scaling'   .        ? 3 
SOLVE     phasing          .        ? 4 
# 
_cell.entry_id           2BKF 
_cell.length_a           100.612 
_cell.length_b           100.612 
_cell.length_c           42.160 
_cell.angle_alpha        90.00 
_cell.angle_beta         90.00 
_cell.angle_gamma        120.00 
_cell.Z_PDB              12 
_cell.pdbx_unique_axis   ? 
# 
_symmetry.entry_id                         2BKF 
_symmetry.space_group_name_H-M             'P 63 2 2' 
_symmetry.pdbx_full_space_group_name_H-M   ? 
_symmetry.cell_setting                     ? 
_symmetry.Int_Tables_number                182 
# 
_exptl.entry_id          2BKF 
_exptl.method            'X-RAY DIFFRACTION' 
_exptl.crystals_number   2 
# 
_exptl_crystal.id                    1 
_exptl_crystal.density_meas          ? 
_exptl_crystal.density_Matthews      2.7 
_exptl_crystal.density_percent_sol   54.02 
_exptl_crystal.description           ? 
# 
_exptl_crystal_grow.crystal_id      1 
_exptl_crystal_grow.method          ? 
_exptl_crystal_grow.temp            ? 
_exptl_crystal_grow.temp_details    ? 
_exptl_crystal_grow.pH              4.10 
_exptl_crystal_grow.pdbx_pH_range   ? 
_exptl_crystal_grow.pdbx_details    '1.6 M AMMONIUM SULFATE,0.1 M SODIUM ACETATE PH 4.1' 
# 
_diffrn.id                     1 
_diffrn.ambient_temp           100.0 
_diffrn.ambient_temp_details   ? 
_diffrn.crystal_id             1 
# 
_diffrn_detector.diffrn_id              1 
_diffrn_detector.detector               CCD 
_diffrn_detector.type                   MARRESEARCH 
_diffrn_detector.pdbx_collection_date   2003-11-04 
_diffrn_detector.details                MIRROR 
# 
_diffrn_radiation.diffrn_id                        1 
_diffrn_radiation.wavelength_id                    1 
_diffrn_radiation.pdbx_monochromatic_or_laue_m_l   M 
_diffrn_radiation.monochromator                    'TRIANGULAR MONOCHROMATOR' 
_diffrn_radiation.pdbx_diffrn_protocol             'SINGLE WAVELENGTH' 
_diffrn_radiation.pdbx_scattering_type             x-ray 
# 
_diffrn_radiation_wavelength.id           1 
_diffrn_radiation_wavelength.wavelength   0.8030 
_diffrn_radiation_wavelength.wt           1.0 
# 
_diffrn_source.diffrn_id                   1 
_diffrn_source.source                      SYNCHROTRON 
_diffrn_source.type                        'EMBL/DESY, HAMBURG BEAMLINE X13' 
_diffrn_source.pdbx_synchrotron_site       'EMBL/DESY, HAMBURG' 
_diffrn_source.pdbx_synchrotron_beamline   X13 
_diffrn_source.pdbx_wavelength             0.8030 
_diffrn_source.pdbx_wavelength_list        ? 
# 
_reflns.pdbx_diffrn_id               1 
_reflns.pdbx_ordinal                 1 
_reflns.entry_id                     2BKF 
_reflns.observed_criterion_sigma_I   -3.000 
_reflns.observed_criterion_sigma_F   ? 
_reflns.d_resolution_low             20.000 
_reflns.d_resolution_high            1.560 
_reflns.number_obs                   18381 
_reflns.number_all                   ? 
_reflns.percent_possible_obs         99.6 
_reflns.pdbx_Rmerge_I_obs            0.06000 
_reflns.pdbx_Rsym_value              ? 
_reflns.pdbx_netI_over_sigmaI        46.6000 
_reflns.B_iso_Wilson_estimate        ? 
_reflns.pdbx_redundancy              18.900 
# 
_reflns_shell.pdbx_diffrn_id         1 
_reflns_shell.pdbx_ordinal           1 
_reflns_shell.d_res_high             1.55 
_reflns_shell.d_res_low              1.61 
_reflns_shell.percent_possible_all   100.0 
_reflns_shell.Rmerge_I_obs           0.59000 
_reflns_shell.pdbx_Rsym_value        ? 
_reflns_shell.meanI_over_sigI_obs    4.800 
_reflns_shell.pdbx_redundancy        ? 
# 
_refine.pdbx_refine_id                           'X-RAY DIFFRACTION' 
_refine.entry_id                                 2BKF 
_refine.pdbx_diffrn_id                           1 
_refine.pdbx_TLS_residual_ADP_flag               'LIKELY RESIDUAL' 
_refine.ls_number_reflns_obs                     17183 
_refine.ls_number_reflns_all                     ? 
_refine.pdbx_ls_sigma_I                          ? 
_refine.pdbx_ls_sigma_F                          ? 
_refine.pdbx_data_cutoff_high_absF               ? 
_refine.pdbx_data_cutoff_low_absF                ? 
_refine.pdbx_data_cutoff_high_rms_absF           ? 
_refine.ls_d_res_low                             21.78 
_refine.ls_d_res_high                            1.56 
_refine.ls_percent_reflns_obs                    97.7 
_refine.ls_R_factor_obs                          0.200 
_refine.ls_R_factor_all                          ? 
_refine.ls_R_factor_R_work                       0.199 
_refine.ls_R_factor_R_free                       0.226 
_refine.ls_R_factor_R_free_error                 ? 
_refine.ls_R_factor_R_free_error_details         ? 
_refine.ls_percent_reflns_R_free                 5.100 
_refine.ls_number_reflns_R_free                  923 
_refine.ls_number_parameters                     ? 
_refine.ls_number_restraints                     ? 
_refine.occupancy_min                            ? 
_refine.occupancy_max                            ? 
_refine.correlation_coeff_Fo_to_Fc               0.968 
_refine.correlation_coeff_Fo_to_Fc_free          0.962 
_refine.B_iso_mean                               36.66 
_refine.aniso_B[1][1]                            -0.66000 
_refine.aniso_B[2][2]                            -0.66000 
_refine.aniso_B[3][3]                            0.99000 
_refine.aniso_B[1][2]                            -0.33000 
_refine.aniso_B[1][3]                            0.00000 
_refine.aniso_B[2][3]                            0.00000 
_refine.solvent_model_details                    'BABINET MODEL WITH MASK' 
_refine.solvent_model_param_ksol                 ? 
_refine.solvent_model_param_bsol                 ? 
_refine.pdbx_solvent_vdw_probe_radii             1.20 
_refine.pdbx_solvent_ion_probe_radii             0.80 
_refine.pdbx_solvent_shrinkage_radii             0.80 
_refine.pdbx_ls_cross_valid_method               THROUGHOUT 
_refine.details                                  'HYDROGENS HAVE BEEN ADDED IN THE RIDING POSITIONS.' 
_refine.pdbx_starting_model                      ? 
_refine.pdbx_method_to_determine_struct          MAD 
_refine.pdbx_isotropic_thermal_model             ? 
_refine.pdbx_stereochemistry_target_values       'MAXIMUM LIKELIHOOD' 
_refine.pdbx_stereochem_target_val_spec_case     ? 
_refine.pdbx_R_Free_selection_details            RANDOM 
_refine.pdbx_overall_ESU_R                       0.077 
_refine.pdbx_overall_ESU_R_Free                  0.079 
_refine.overall_SU_ML                            0.057 
_refine.pdbx_overall_phase_error                 ? 
_refine.overall_SU_B                             ? 
_refine.overall_SU_R_Cruickshank_DPI             ? 
_refine.pdbx_overall_SU_R_free_Cruickshank_DPI   ? 
_refine.pdbx_overall_SU_R_Blow_DPI               ? 
_refine.pdbx_overall_SU_R_free_Blow_DPI          ? 
# 
_refine_hist.pdbx_refine_id                   'X-RAY DIFFRACTION' 
_refine_hist.cycle_id                         LAST 
_refine_hist.pdbx_number_atoms_protein        687 
_refine_hist.pdbx_number_atoms_nucleic_acid   0 
_refine_hist.pdbx_number_atoms_ligand         12 
_refine_hist.number_atoms_solvent             94 
_refine_hist.number_atoms_total               793 
_refine_hist.d_res_high                       1.56 
_refine_hist.d_res_low                        21.78 
# 
loop_
_refine_ls_restr.type 
_refine_ls_restr.dev_ideal 
_refine_ls_restr.dev_ideal_target 
_refine_ls_restr.weight 
_refine_ls_restr.number 
_refine_ls_restr.pdbx_refine_id 
_refine_ls_restr.pdbx_restraint_function 
r_bond_refined_d             0.014  0.022  ? 729  'X-RAY DIFFRACTION' ? 
r_bond_other_d               0.001  0.020  ? 637  'X-RAY DIFFRACTION' ? 
r_angle_refined_deg          1.484  1.956  ? 985  'X-RAY DIFFRACTION' ? 
r_angle_other_deg            0.734  3.000  ? 1511 'X-RAY DIFFRACTION' ? 
r_dihedral_angle_1_deg       5.665  5.000  ? 85   'X-RAY DIFFRACTION' ? 
r_dihedral_angle_2_deg       38.819 28.293 ? 41   'X-RAY DIFFRACTION' ? 
r_dihedral_angle_3_deg       13.314 15.000 ? 140  'X-RAY DIFFRACTION' ? 
r_dihedral_angle_4_deg       ?      ?      ? ?    'X-RAY DIFFRACTION' ? 
r_chiral_restr               0.085  0.200  ? 114  'X-RAY DIFFRACTION' ? 
r_gen_planes_refined         0.005  0.020  ? 790  'X-RAY DIFFRACTION' ? 
r_gen_planes_other           0.001  0.020  ? 113  'X-RAY DIFFRACTION' ? 
r_nbd_refined                0.210  0.200  ? 140  'X-RAY DIFFRACTION' ? 
r_nbd_other                  0.168  0.200  ? 696  'X-RAY DIFFRACTION' ? 
r_nbtor_refined              0.173  0.200  ? 377  'X-RAY DIFFRACTION' ? 
r_nbtor_other                0.090  0.200  ? 449  'X-RAY DIFFRACTION' ? 
r_xyhbond_nbd_refined        0.168  0.200  ? 78   'X-RAY DIFFRACTION' ? 
r_xyhbond_nbd_other          ?      ?      ? ?    'X-RAY DIFFRACTION' ? 
r_metal_ion_refined          ?      ?      ? ?    'X-RAY DIFFRACTION' ? 
r_metal_ion_other            ?      ?      ? ?    'X-RAY DIFFRACTION' ? 
r_symmetry_vdw_refined       0.226  0.200  ? 12   'X-RAY DIFFRACTION' ? 
r_symmetry_vdw_other         0.173  0.200  ? 33   'X-RAY DIFFRACTION' ? 
r_symmetry_hbond_refined     0.233  0.200  ? 13   'X-RAY DIFFRACTION' ? 
r_symmetry_hbond_other       ?      ?      ? ?    'X-RAY DIFFRACTION' ? 
r_symmetry_metal_ion_refined ?      ?      ? ?    'X-RAY DIFFRACTION' ? 
r_symmetry_metal_ion_other   ?      ?      ? ?    'X-RAY DIFFRACTION' ? 
r_mcbond_it                  2.118  3.000  ? 559  'X-RAY DIFFRACTION' ? 
r_mcbond_other               ?      ?      ? ?    'X-RAY DIFFRACTION' ? 
r_mcangle_it                 2.453  4.000  ? 716  'X-RAY DIFFRACTION' ? 
r_mcangle_other              ?      ?      ? ?    'X-RAY DIFFRACTION' ? 
r_scbond_it                  2.610  4.000  ? 331  'X-RAY DIFFRACTION' ? 
r_scbond_other               ?      ?      ? ?    'X-RAY DIFFRACTION' ? 
r_scangle_it                 3.514  5.000  ? 269  'X-RAY DIFFRACTION' ? 
r_scangle_other              ?      ?      ? ?    'X-RAY DIFFRACTION' ? 
r_long_range_B_refined       ?      ?      ? ?    'X-RAY DIFFRACTION' ? 
r_long_range_B_other         ?      ?      ? ?    'X-RAY DIFFRACTION' ? 
r_rigid_bond_restr           ?      ?      ? ?    'X-RAY DIFFRACTION' ? 
r_sphericity_free            ?      ?      ? ?    'X-RAY DIFFRACTION' ? 
r_sphericity_bonded          ?      ?      ? ?    'X-RAY DIFFRACTION' ? 
# 
_refine_ls_shell.pdbx_refine_id                   'X-RAY DIFFRACTION' 
_refine_ls_shell.pdbx_total_number_of_bins_used   20 
_refine_ls_shell.d_res_high                       1.56 
_refine_ls_shell.d_res_low                        1.60 
_refine_ls_shell.number_reflns_R_work             1178 
_refine_ls_shell.R_factor_R_work                  0.2730 
_refine_ls_shell.percent_reflns_obs               ? 
_refine_ls_shell.R_factor_R_free                  0.3320 
_refine_ls_shell.R_factor_R_free_error            ? 
_refine_ls_shell.percent_reflns_R_free            ? 
_refine_ls_shell.number_reflns_R_free             66 
_refine_ls_shell.number_reflns_all                ? 
_refine_ls_shell.R_factor_all                     ? 
# 
_struct.entry_id                  2BKF 
_struct.title                     'Structure of the PB1 domain of NBR1' 
_struct.pdbx_model_details        ? 
_struct.pdbx_CASP_flag            ? 
_struct.pdbx_model_type_details   ? 
# 
_struct_keywords.entry_id        2BKF 
_struct_keywords.pdbx_keywords   'ZINC-FINGER PROTEIN' 
_struct_keywords.text            'ZINC-FINGER PROTEIN, PB1 DOMAIN, NBR1, INTERACTION DOMAIN, ZINC-FINGER' 
# 
loop_
_struct_asym.id 
_struct_asym.pdbx_blank_PDB_chainid_flag 
_struct_asym.pdbx_modified 
_struct_asym.entity_id 
_struct_asym.details 
A N N 1 ? 
B N N 2 ? 
C N N 2 ? 
D N N 3 ? 
# 
loop_
_struct_ref.id 
_struct_ref.db_name 
_struct_ref.db_code 
_struct_ref.entity_id 
_struct_ref.pdbx_seq_one_letter_code 
_struct_ref.pdbx_align_begin 
_struct_ref.pdbx_db_accession 
_struct_ref.pdbx_db_isoform 
1 PDB 2BKF       1 ? ? 2BKF   ? 
2 UNP M172_HUMAN 1 ? ? Q14596 ? 
# 
loop_
_struct_ref_seq.align_id 
_struct_ref_seq.ref_id 
_struct_ref_seq.pdbx_PDB_id_code 
_struct_ref_seq.pdbx_strand_id 
_struct_ref_seq.seq_align_beg 
_struct_ref_seq.pdbx_seq_align_beg_ins_code 
_struct_ref_seq.seq_align_end 
_struct_ref_seq.pdbx_seq_align_end_ins_code 
_struct_ref_seq.pdbx_db_accession 
_struct_ref_seq.db_align_beg 
_struct_ref_seq.pdbx_db_align_beg_ins_code 
_struct_ref_seq.db_align_end 
_struct_ref_seq.pdbx_db_align_end_ins_code 
_struct_ref_seq.pdbx_auth_seq_align_beg 
_struct_ref_seq.pdbx_auth_seq_align_end 
1 1 2BKF A 1 ? 2  ? 2BKF   -1 ? 0  ? -1 0  
2 2 2BKF A 3 ? 87 ? Q14596 1  ? 85 ? 1  85 
# 
_pdbx_struct_assembly.id                   1 
_pdbx_struct_assembly.details              author_and_software_defined_assembly 
_pdbx_struct_assembly.method_details       PQS 
_pdbx_struct_assembly.oligomeric_details   monomeric 
_pdbx_struct_assembly.oligomeric_count     1 
# 
_pdbx_struct_assembly_gen.assembly_id       1 
_pdbx_struct_assembly_gen.oper_expression   1 
_pdbx_struct_assembly_gen.asym_id_list      A,B,C,D 
# 
_pdbx_struct_oper_list.id                   1 
_pdbx_struct_oper_list.type                 'identity operation' 
_pdbx_struct_oper_list.name                 1_555 
_pdbx_struct_oper_list.symmetry_operation   x,y,z 
_pdbx_struct_oper_list.matrix[1][1]         1.0000000000 
_pdbx_struct_oper_list.matrix[1][2]         0.0000000000 
_pdbx_struct_oper_list.matrix[1][3]         0.0000000000 
_pdbx_struct_oper_list.vector[1]            0.0000000000 
_pdbx_struct_oper_list.matrix[2][1]         0.0000000000 
_pdbx_struct_oper_list.matrix[2][2]         1.0000000000 
_pdbx_struct_oper_list.matrix[2][3]         0.0000000000 
_pdbx_struct_oper_list.vector[2]            0.0000000000 
_pdbx_struct_oper_list.matrix[3][1]         0.0000000000 
_pdbx_struct_oper_list.matrix[3][2]         0.0000000000 
_pdbx_struct_oper_list.matrix[3][3]         1.0000000000 
_pdbx_struct_oper_list.vector[3]            0.0000000000 
# 
_struct_biol.id   1 
# 
loop_
_struct_conf.conf_type_id 
_struct_conf.id 
_struct_conf.pdbx_PDB_helix_id 
_struct_conf.beg_label_comp_id 
_struct_conf.beg_label_asym_id 
_struct_conf.beg_label_seq_id 
_struct_conf.pdbx_beg_PDB_ins_code 
_struct_conf.end_label_comp_id 
_struct_conf.end_label_asym_id 
_struct_conf.end_label_seq_id 
_struct_conf.pdbx_end_PDB_ins_code 
_struct_conf.beg_auth_comp_id 
_struct_conf.beg_auth_asym_id 
_struct_conf.beg_auth_seq_id 
_struct_conf.end_auth_comp_id 
_struct_conf.end_auth_asym_id 
_struct_conf.end_auth_seq_id 
_struct_conf.pdbx_PDB_helix_class 
_struct_conf.details 
_struct_conf.pdbx_PDB_helix_length 
HELX_P HELX_P1 1 ASP A 24 ? THR A 28 ? ASP A 22 THR A 26 5 ? 5  
HELX_P HELX_P2 2 THR A 29 ? ASP A 42 ? THR A 27 ASP A 40 1 ? 14 
HELX_P HELX_P3 3 SER A 62 ? GLN A 76 ? SER A 60 GLN A 74 1 ? 15 
# 
_struct_conf_type.id          HELX_P 
_struct_conf_type.criteria    ? 
_struct_conf_type.reference   ? 
# 
_struct_mon_prot_cis.pdbx_id                1 
_struct_mon_prot_cis.label_comp_id          ALA 
_struct_mon_prot_cis.label_seq_id           2 
_struct_mon_prot_cis.label_asym_id          A 
_struct_mon_prot_cis.label_alt_id           . 
_struct_mon_prot_cis.pdbx_PDB_ins_code      ? 
_struct_mon_prot_cis.auth_comp_id           ALA 
_struct_mon_prot_cis.auth_seq_id            0 
_struct_mon_prot_cis.auth_asym_id           A 
_struct_mon_prot_cis.pdbx_label_comp_id_2   MET 
_struct_mon_prot_cis.pdbx_label_seq_id_2    3 
_struct_mon_prot_cis.pdbx_label_asym_id_2   A 
_struct_mon_prot_cis.pdbx_PDB_ins_code_2    ? 
_struct_mon_prot_cis.pdbx_auth_comp_id_2    MET 
_struct_mon_prot_cis.pdbx_auth_seq_id_2     1 
_struct_mon_prot_cis.pdbx_auth_asym_id_2    A 
_struct_mon_prot_cis.pdbx_PDB_model_num     1 
_struct_mon_prot_cis.pdbx_omega_angle       -12.90 
# 
_struct_sheet.id               AA 
_struct_sheet.type             ? 
_struct_sheet.number_strands   5 
_struct_sheet.details          ? 
# 
loop_
_struct_sheet_order.sheet_id 
_struct_sheet_order.range_id_1 
_struct_sheet_order.range_id_2 
_struct_sheet_order.offset 
_struct_sheet_order.sense 
AA 1 2 ? anti-parallel 
AA 2 3 ? parallel      
AA 3 4 ? anti-parallel 
AA 4 5 ? anti-parallel 
# 
loop_
_struct_sheet_range.sheet_id 
_struct_sheet_range.id 
_struct_sheet_range.beg_label_comp_id 
_struct_sheet_range.beg_label_asym_id 
_struct_sheet_range.beg_label_seq_id 
_struct_sheet_range.pdbx_beg_PDB_ins_code 
_struct_sheet_range.end_label_comp_id 
_struct_sheet_range.end_label_asym_id 
_struct_sheet_range.end_label_seq_id 
_struct_sheet_range.pdbx_end_PDB_ins_code 
_struct_sheet_range.beg_auth_comp_id 
_struct_sheet_range.beg_auth_asym_id 
_struct_sheet_range.beg_auth_seq_id 
_struct_sheet_range.end_auth_comp_id 
_struct_sheet_range.end_auth_asym_id 
_struct_sheet_range.end_auth_seq_id 
AA 1 GLU A 16 ? VAL A 22 ? GLU A 14 VAL A 20 
AA 2 VAL A 7  ? PHE A 13 ? VAL A 5  PHE A 11 
AA 3 GLN A 79 ? GLU A 86 ? GLN A 77 GLU A 84 
AA 4 ILE A 46 ? LEU A 51 ? ILE A 44 LEU A 49 
AA 5 GLU A 57 ? ILE A 60 ? GLU A 55 ILE A 58 
# 
loop_
_pdbx_struct_sheet_hbond.sheet_id 
_pdbx_struct_sheet_hbond.range_id_1 
_pdbx_struct_sheet_hbond.range_id_2 
_pdbx_struct_sheet_hbond.range_1_label_atom_id 
_pdbx_struct_sheet_hbond.range_1_label_comp_id 
_pdbx_struct_sheet_hbond.range_1_label_asym_id 
_pdbx_struct_sheet_hbond.range_1_label_seq_id 
_pdbx_struct_sheet_hbond.range_1_PDB_ins_code 
_pdbx_struct_sheet_hbond.range_1_auth_atom_id 
_pdbx_struct_sheet_hbond.range_1_auth_comp_id 
_pdbx_struct_sheet_hbond.range_1_auth_asym_id 
_pdbx_struct_sheet_hbond.range_1_auth_seq_id 
_pdbx_struct_sheet_hbond.range_2_label_atom_id 
_pdbx_struct_sheet_hbond.range_2_label_comp_id 
_pdbx_struct_sheet_hbond.range_2_label_asym_id 
_pdbx_struct_sheet_hbond.range_2_label_seq_id 
_pdbx_struct_sheet_hbond.range_2_PDB_ins_code 
_pdbx_struct_sheet_hbond.range_2_auth_atom_id 
_pdbx_struct_sheet_hbond.range_2_auth_comp_id 
_pdbx_struct_sheet_hbond.range_2_auth_asym_id 
_pdbx_struct_sheet_hbond.range_2_auth_seq_id 
AA 1 2 N VAL A 22 ? N VAL A 20 O VAL A 7  ? O VAL A 5  
AA 2 3 N ASN A 10 ? N ASN A 8  O LEU A 80 ? O LEU A 78 
AA 3 4 N HIS A 85 ? N HIS A 83 O GLN A 47 ? O GLN A 45 
AA 4 5 N TYR A 50 ? N TYR A 48 O VAL A 58 ? O VAL A 56 
# 
loop_
_struct_site.id 
_struct_site.pdbx_evidence_code 
_struct_site.pdbx_auth_asym_id 
_struct_site.pdbx_auth_comp_id 
_struct_site.pdbx_auth_seq_id 
_struct_site.pdbx_auth_ins_code 
_struct_site.pdbx_num_residues 
_struct_site.details 
AC1 Software ? ? ? ? 8 'BINDING SITE FOR RESIDUE GOL A1086' 
AC2 Software ? ? ? ? 3 'BINDING SITE FOR RESIDUE GOL A1087' 
# 
loop_
_struct_site_gen.id 
_struct_site_gen.site_id 
_struct_site_gen.pdbx_num_res 
_struct_site_gen.label_comp_id 
_struct_site_gen.label_asym_id 
_struct_site_gen.label_seq_id 
_struct_site_gen.pdbx_auth_ins_code 
_struct_site_gen.auth_comp_id 
_struct_site_gen.auth_asym_id 
_struct_site_gen.auth_seq_id 
_struct_site_gen.label_atom_id 
_struct_site_gen.label_alt_id 
_struct_site_gen.symmetry 
_struct_site_gen.details 
1  AC1 8 THR A 12 ? THR A 10   . ? 1_555 ? 
2  AC1 8 LYS A 14 ? LYS A 12   . ? 1_555 ? 
3  AC1 8 ASN A 15 ? ASN A 13   . ? 1_555 ? 
4  AC1 8 ILE A 17 ? ILE A 15   . ? 1_555 ? 
5  AC1 8 SER A 19 ? SER A 17   . ? 1_555 ? 
6  AC1 8 GLN A 83 ? GLN A 81   . ? 1_555 ? 
7  AC1 8 HOH D .  ? HOH A 2020 . ? 1_555 ? 
8  AC1 8 HOH D .  ? HOH A 2094 . ? 1_555 ? 
9  AC2 3 GLN A 47 ? GLN A 45   . ? 1_555 ? 
10 AC2 3 SER A 59 ? SER A 57   . ? 1_555 ? 
11 AC2 3 ASN A 61 ? ASN A 59   . ? 1_555 ? 
# 
loop_
_pdbx_validate_torsion.id 
_pdbx_validate_torsion.PDB_model_num 
_pdbx_validate_torsion.auth_comp_id 
_pdbx_validate_torsion.auth_asym_id 
_pdbx_validate_torsion.auth_seq_id 
_pdbx_validate_torsion.PDB_ins_code 
_pdbx_validate_torsion.label_alt_id 
_pdbx_validate_torsion.phi 
_pdbx_validate_torsion.psi 
1 1 MET A 1  ? ? -170.30 143.27  
2 1 LYS A 12 ? ? 59.04   -120.27 
3 1 ASN A 42 ? ? -101.96 -72.32  
# 
_pdbx_refine_tls.pdbx_refine_id   'X-RAY DIFFRACTION' 
_pdbx_refine_tls.id               1 
_pdbx_refine_tls.details          ? 
_pdbx_refine_tls.method           refined 
_pdbx_refine_tls.origin_x         0.0838 
_pdbx_refine_tls.origin_y         -0.1725 
_pdbx_refine_tls.origin_z         0.1094 
_pdbx_refine_tls.T[1][1]          -0.1005 
_pdbx_refine_tls.T[2][2]          -0.1334 
_pdbx_refine_tls.T[3][3]          -0.1758 
_pdbx_refine_tls.T[1][2]          -0.0607 
_pdbx_refine_tls.T[1][3]          -0.0561 
_pdbx_refine_tls.T[2][3]          0.0297 
_pdbx_refine_tls.L[1][1]          5.3084 
_pdbx_refine_tls.L[2][2]          1.9478 
_pdbx_refine_tls.L[3][3]          2.8769 
_pdbx_refine_tls.L[1][2]          -0.3668 
_pdbx_refine_tls.L[1][3]          2.0329 
_pdbx_refine_tls.L[2][3]          -0.9369 
_pdbx_refine_tls.S[1][1]          0.0488 
_pdbx_refine_tls.S[1][2]          -0.4434 
_pdbx_refine_tls.S[1][3]          -0.0264 
_pdbx_refine_tls.S[2][1]          0.0820 
_pdbx_refine_tls.S[2][2]          0.1034 
_pdbx_refine_tls.S[2][3]          0.2740 
_pdbx_refine_tls.S[3][1]          0.2524 
_pdbx_refine_tls.S[3][2]          -0.3452 
_pdbx_refine_tls.S[3][3]          -0.1522 
# 
_pdbx_refine_tls_group.pdbx_refine_id      'X-RAY DIFFRACTION' 
_pdbx_refine_tls_group.id                  1 
_pdbx_refine_tls_group.refine_tls_id       1 
_pdbx_refine_tls_group.beg_auth_asym_id    A 
_pdbx_refine_tls_group.beg_auth_seq_id     1 
_pdbx_refine_tls_group.beg_label_asym_id   ? 
_pdbx_refine_tls_group.beg_label_seq_id    ? 
_pdbx_refine_tls_group.end_auth_asym_id    A 
_pdbx_refine_tls_group.end_auth_seq_id     87 
_pdbx_refine_tls_group.end_label_asym_id   ? 
_pdbx_refine_tls_group.end_label_seq_id    ? 
_pdbx_refine_tls_group.selection           ? 
_pdbx_refine_tls_group.selection_details   ? 
# 
_pdbx_unobs_or_zero_occ_residues.id               1 
_pdbx_unobs_or_zero_occ_residues.PDB_model_num    1 
_pdbx_unobs_or_zero_occ_residues.polymer_flag     Y 
_pdbx_unobs_or_zero_occ_residues.occupancy_flag   1 
_pdbx_unobs_or_zero_occ_residues.auth_asym_id     A 
_pdbx_unobs_or_zero_occ_residues.auth_comp_id     GLY 
_pdbx_unobs_or_zero_occ_residues.auth_seq_id      -1 
_pdbx_unobs_or_zero_occ_residues.PDB_ins_code     ? 
_pdbx_unobs_or_zero_occ_residues.label_asym_id    A 
_pdbx_unobs_or_zero_occ_residues.label_comp_id    GLY 
_pdbx_unobs_or_zero_occ_residues.label_seq_id     1 
# 
loop_
_chem_comp_atom.comp_id 
_chem_comp_atom.atom_id 
_chem_comp_atom.type_symbol 
_chem_comp_atom.pdbx_aromatic_flag 
_chem_comp_atom.pdbx_stereo_config 
_chem_comp_atom.pdbx_ordinal 
ALA N    N N N 1   
ALA CA   C N S 2   
ALA C    C N N 3   
ALA O    O N N 4   
ALA CB   C N N 5   
ALA OXT  O N N 6   
ALA H    H N N 7   
ALA H2   H N N 8   
ALA HA   H N N 9   
ALA HB1  H N N 10  
ALA HB2  H N N 11  
ALA HB3  H N N 12  
ALA HXT  H N N 13  
ASN N    N N N 14  
ASN CA   C N S 15  
ASN C    C N N 16  
ASN O    O N N 17  
ASN CB   C N N 18  
ASN CG   C N N 19  
ASN OD1  O N N 20  
ASN ND2  N N N 21  
ASN OXT  O N N 22  
ASN H    H N N 23  
ASN H2   H N N 24  
ASN HA   H N N 25  
ASN HB2  H N N 26  
ASN HB3  H N N 27  
ASN HD21 H N N 28  
ASN HD22 H N N 29  
ASN HXT  H N N 30  
ASP N    N N N 31  
ASP CA   C N S 32  
ASP C    C N N 33  
ASP O    O N N 34  
ASP CB   C N N 35  
ASP CG   C N N 36  
ASP OD1  O N N 37  
ASP OD2  O N N 38  
ASP OXT  O N N 39  
ASP H    H N N 40  
ASP H2   H N N 41  
ASP HA   H N N 42  
ASP HB2  H N N 43  
ASP HB3  H N N 44  
ASP HD2  H N N 45  
ASP HXT  H N N 46  
GLN N    N N N 47  
GLN CA   C N S 48  
GLN C    C N N 49  
GLN O    O N N 50  
GLN CB   C N N 51  
GLN CG   C N N 52  
GLN CD   C N N 53  
GLN OE1  O N N 54  
GLN NE2  N N N 55  
GLN OXT  O N N 56  
GLN H    H N N 57  
GLN H2   H N N 58  
GLN HA   H N N 59  
GLN HB2  H N N 60  
GLN HB3  H N N 61  
GLN HG2  H N N 62  
GLN HG3  H N N 63  
GLN HE21 H N N 64  
GLN HE22 H N N 65  
GLN HXT  H N N 66  
GLU N    N N N 67  
GLU CA   C N S 68  
GLU C    C N N 69  
GLU O    O N N 70  
GLU CB   C N N 71  
GLU CG   C N N 72  
GLU CD   C N N 73  
GLU OE1  O N N 74  
GLU OE2  O N N 75  
GLU OXT  O N N 76  
GLU H    H N N 77  
GLU H2   H N N 78  
GLU HA   H N N 79  
GLU HB2  H N N 80  
GLU HB3  H N N 81  
GLU HG2  H N N 82  
GLU HG3  H N N 83  
GLU HE2  H N N 84  
GLU HXT  H N N 85  
GLY N    N N N 86  
GLY CA   C N N 87  
GLY C    C N N 88  
GLY O    O N N 89  
GLY OXT  O N N 90  
GLY H    H N N 91  
GLY H2   H N N 92  
GLY HA2  H N N 93  
GLY HA3  H N N 94  
GLY HXT  H N N 95  
GOL C1   C N N 96  
GOL O1   O N N 97  
GOL C2   C N N 98  
GOL O2   O N N 99  
GOL C3   C N N 100 
GOL O3   O N N 101 
GOL H11  H N N 102 
GOL H12  H N N 103 
GOL HO1  H N N 104 
GOL H2   H N N 105 
GOL HO2  H N N 106 
GOL H31  H N N 107 
GOL H32  H N N 108 
GOL HO3  H N N 109 
HIS N    N N N 110 
HIS CA   C N S 111 
HIS C    C N N 112 
HIS O    O N N 113 
HIS CB   C N N 114 
HIS CG   C Y N 115 
HIS ND1  N Y N 116 
HIS CD2  C Y N 117 
HIS CE1  C Y N 118 
HIS NE2  N Y N 119 
HIS OXT  O N N 120 
HIS H    H N N 121 
HIS H2   H N N 122 
HIS HA   H N N 123 
HIS HB2  H N N 124 
HIS HB3  H N N 125 
HIS HD1  H N N 126 
HIS HD2  H N N 127 
HIS HE1  H N N 128 
HIS HE2  H N N 129 
HIS HXT  H N N 130 
HOH O    O N N 131 
HOH H1   H N N 132 
HOH H2   H N N 133 
ILE N    N N N 134 
ILE CA   C N S 135 
ILE C    C N N 136 
ILE O    O N N 137 
ILE CB   C N S 138 
ILE CG1  C N N 139 
ILE CG2  C N N 140 
ILE CD1  C N N 141 
ILE OXT  O N N 142 
ILE H    H N N 143 
ILE H2   H N N 144 
ILE HA   H N N 145 
ILE HB   H N N 146 
ILE HG12 H N N 147 
ILE HG13 H N N 148 
ILE HG21 H N N 149 
ILE HG22 H N N 150 
ILE HG23 H N N 151 
ILE HD11 H N N 152 
ILE HD12 H N N 153 
ILE HD13 H N N 154 
ILE HXT  H N N 155 
LEU N    N N N 156 
LEU CA   C N S 157 
LEU C    C N N 158 
LEU O    O N N 159 
LEU CB   C N N 160 
LEU CG   C N N 161 
LEU CD1  C N N 162 
LEU CD2  C N N 163 
LEU OXT  O N N 164 
LEU H    H N N 165 
LEU H2   H N N 166 
LEU HA   H N N 167 
LEU HB2  H N N 168 
LEU HB3  H N N 169 
LEU HG   H N N 170 
LEU HD11 H N N 171 
LEU HD12 H N N 172 
LEU HD13 H N N 173 
LEU HD21 H N N 174 
LEU HD22 H N N 175 
LEU HD23 H N N 176 
LEU HXT  H N N 177 
LYS N    N N N 178 
LYS CA   C N S 179 
LYS C    C N N 180 
LYS O    O N N 181 
LYS CB   C N N 182 
LYS CG   C N N 183 
LYS CD   C N N 184 
LYS CE   C N N 185 
LYS NZ   N N N 186 
LYS OXT  O N N 187 
LYS H    H N N 188 
LYS H2   H N N 189 
LYS HA   H N N 190 
LYS HB2  H N N 191 
LYS HB3  H N N 192 
LYS HG2  H N N 193 
LYS HG3  H N N 194 
LYS HD2  H N N 195 
LYS HD3  H N N 196 
LYS HE2  H N N 197 
LYS HE3  H N N 198 
LYS HZ1  H N N 199 
LYS HZ2  H N N 200 
LYS HZ3  H N N 201 
LYS HXT  H N N 202 
MET N    N N N 203 
MET CA   C N S 204 
MET C    C N N 205 
MET O    O N N 206 
MET CB   C N N 207 
MET CG   C N N 208 
MET SD   S N N 209 
MET CE   C N N 210 
MET OXT  O N N 211 
MET H    H N N 212 
MET H2   H N N 213 
MET HA   H N N 214 
MET HB2  H N N 215 
MET HB3  H N N 216 
MET HG2  H N N 217 
MET HG3  H N N 218 
MET HE1  H N N 219 
MET HE2  H N N 220 
MET HE3  H N N 221 
MET HXT  H N N 222 
PHE N    N N N 223 
PHE CA   C N S 224 
PHE C    C N N 225 
PHE O    O N N 226 
PHE CB   C N N 227 
PHE CG   C Y N 228 
PHE CD1  C Y N 229 
PHE CD2  C Y N 230 
PHE CE1  C Y N 231 
PHE CE2  C Y N 232 
PHE CZ   C Y N 233 
PHE OXT  O N N 234 
PHE H    H N N 235 
PHE H2   H N N 236 
PHE HA   H N N 237 
PHE HB2  H N N 238 
PHE HB3  H N N 239 
PHE HD1  H N N 240 
PHE HD2  H N N 241 
PHE HE1  H N N 242 
PHE HE2  H N N 243 
PHE HZ   H N N 244 
PHE HXT  H N N 245 
PRO N    N N N 246 
PRO CA   C N S 247 
PRO C    C N N 248 
PRO O    O N N 249 
PRO CB   C N N 250 
PRO CG   C N N 251 
PRO CD   C N N 252 
PRO OXT  O N N 253 
PRO H    H N N 254 
PRO HA   H N N 255 
PRO HB2  H N N 256 
PRO HB3  H N N 257 
PRO HG2  H N N 258 
PRO HG3  H N N 259 
PRO HD2  H N N 260 
PRO HD3  H N N 261 
PRO HXT  H N N 262 
SER N    N N N 263 
SER CA   C N S 264 
SER C    C N N 265 
SER O    O N N 266 
SER CB   C N N 267 
SER OG   O N N 268 
SER OXT  O N N 269 
SER H    H N N 270 
SER H2   H N N 271 
SER HA   H N N 272 
SER HB2  H N N 273 
SER HB3  H N N 274 
SER HG   H N N 275 
SER HXT  H N N 276 
THR N    N N N 277 
THR CA   C N S 278 
THR C    C N N 279 
THR O    O N N 280 
THR CB   C N R 281 
THR OG1  O N N 282 
THR CG2  C N N 283 
THR OXT  O N N 284 
THR H    H N N 285 
THR H2   H N N 286 
THR HA   H N N 287 
THR HB   H N N 288 
THR HG1  H N N 289 
THR HG21 H N N 290 
THR HG22 H N N 291 
THR HG23 H N N 292 
THR HXT  H N N 293 
TRP N    N N N 294 
TRP CA   C N S 295 
TRP C    C N N 296 
TRP O    O N N 297 
TRP CB   C N N 298 
TRP CG   C Y N 299 
TRP CD1  C Y N 300 
TRP CD2  C Y N 301 
TRP NE1  N Y N 302 
TRP CE2  C Y N 303 
TRP CE3  C Y N 304 
TRP CZ2  C Y N 305 
TRP CZ3  C Y N 306 
TRP CH2  C Y N 307 
TRP OXT  O N N 308 
TRP H    H N N 309 
TRP H2   H N N 310 
TRP HA   H N N 311 
TRP HB2  H N N 312 
TRP HB3  H N N 313 
TRP HD1  H N N 314 
TRP HE1  H N N 315 
TRP HE3  H N N 316 
TRP HZ2  H N N 317 
TRP HZ3  H N N 318 
TRP HH2  H N N 319 
TRP HXT  H N N 320 
TYR N    N N N 321 
TYR CA   C N S 322 
TYR C    C N N 323 
TYR O    O N N 324 
TYR CB   C N N 325 
TYR CG   C Y N 326 
TYR CD1  C Y N 327 
TYR CD2  C Y N 328 
TYR CE1  C Y N 329 
TYR CE2  C Y N 330 
TYR CZ   C Y N 331 
TYR OH   O N N 332 
TYR OXT  O N N 333 
TYR H    H N N 334 
TYR H2   H N N 335 
TYR HA   H N N 336 
TYR HB2  H N N 337 
TYR HB3  H N N 338 
TYR HD1  H N N 339 
TYR HD2  H N N 340 
TYR HE1  H N N 341 
TYR HE2  H N N 342 
TYR HH   H N N 343 
TYR HXT  H N N 344 
VAL N    N N N 345 
VAL CA   C N S 346 
VAL C    C N N 347 
VAL O    O N N 348 
VAL CB   C N N 349 
VAL CG1  C N N 350 
VAL CG2  C N N 351 
VAL OXT  O N N 352 
VAL H    H N N 353 
VAL H2   H N N 354 
VAL HA   H N N 355 
VAL HB   H N N 356 
VAL HG11 H N N 357 
VAL HG12 H N N 358 
VAL HG13 H N N 359 
VAL HG21 H N N 360 
VAL HG22 H N N 361 
VAL HG23 H N N 362 
VAL HXT  H N N 363 
# 
loop_
_chem_comp_bond.comp_id 
_chem_comp_bond.atom_id_1 
_chem_comp_bond.atom_id_2 
_chem_comp_bond.value_order 
_chem_comp_bond.pdbx_aromatic_flag 
_chem_comp_bond.pdbx_stereo_config 
_chem_comp_bond.pdbx_ordinal 
ALA N   CA   sing N N 1   
ALA N   H    sing N N 2   
ALA N   H2   sing N N 3   
ALA CA  C    sing N N 4   
ALA CA  CB   sing N N 5   
ALA CA  HA   sing N N 6   
ALA C   O    doub N N 7   
ALA C   OXT  sing N N 8   
ALA CB  HB1  sing N N 9   
ALA CB  HB2  sing N N 10  
ALA CB  HB3  sing N N 11  
ALA OXT HXT  sing N N 12  
ASN N   CA   sing N N 13  
ASN N   H    sing N N 14  
ASN N   H2   sing N N 15  
ASN CA  C    sing N N 16  
ASN CA  CB   sing N N 17  
ASN CA  HA   sing N N 18  
ASN C   O    doub N N 19  
ASN C   OXT  sing N N 20  
ASN CB  CG   sing N N 21  
ASN CB  HB2  sing N N 22  
ASN CB  HB3  sing N N 23  
ASN CG  OD1  doub N N 24  
ASN CG  ND2  sing N N 25  
ASN ND2 HD21 sing N N 26  
ASN ND2 HD22 sing N N 27  
ASN OXT HXT  sing N N 28  
ASP N   CA   sing N N 29  
ASP N   H    sing N N 30  
ASP N   H2   sing N N 31  
ASP CA  C    sing N N 32  
ASP CA  CB   sing N N 33  
ASP CA  HA   sing N N 34  
ASP C   O    doub N N 35  
ASP C   OXT  sing N N 36  
ASP CB  CG   sing N N 37  
ASP CB  HB2  sing N N 38  
ASP CB  HB3  sing N N 39  
ASP CG  OD1  doub N N 40  
ASP CG  OD2  sing N N 41  
ASP OD2 HD2  sing N N 42  
ASP OXT HXT  sing N N 43  
GLN N   CA   sing N N 44  
GLN N   H    sing N N 45  
GLN N   H2   sing N N 46  
GLN CA  C    sing N N 47  
GLN CA  CB   sing N N 48  
GLN CA  HA   sing N N 49  
GLN C   O    doub N N 50  
GLN C   OXT  sing N N 51  
GLN CB  CG   sing N N 52  
GLN CB  HB2  sing N N 53  
GLN CB  HB3  sing N N 54  
GLN CG  CD   sing N N 55  
GLN CG  HG2  sing N N 56  
GLN CG  HG3  sing N N 57  
GLN CD  OE1  doub N N 58  
GLN CD  NE2  sing N N 59  
GLN NE2 HE21 sing N N 60  
GLN NE2 HE22 sing N N 61  
GLN OXT HXT  sing N N 62  
GLU N   CA   sing N N 63  
GLU N   H    sing N N 64  
GLU N   H2   sing N N 65  
GLU CA  C    sing N N 66  
GLU CA  CB   sing N N 67  
GLU CA  HA   sing N N 68  
GLU C   O    doub N N 69  
GLU C   OXT  sing N N 70  
GLU CB  CG   sing N N 71  
GLU CB  HB2  sing N N 72  
GLU CB  HB3  sing N N 73  
GLU CG  CD   sing N N 74  
GLU CG  HG2  sing N N 75  
GLU CG  HG3  sing N N 76  
GLU CD  OE1  doub N N 77  
GLU CD  OE2  sing N N 78  
GLU OE2 HE2  sing N N 79  
GLU OXT HXT  sing N N 80  
GLY N   CA   sing N N 81  
GLY N   H    sing N N 82  
GLY N   H2   sing N N 83  
GLY CA  C    sing N N 84  
GLY CA  HA2  sing N N 85  
GLY CA  HA3  sing N N 86  
GLY C   O    doub N N 87  
GLY C   OXT  sing N N 88  
GLY OXT HXT  sing N N 89  
GOL C1  O1   sing N N 90  
GOL C1  C2   sing N N 91  
GOL C1  H11  sing N N 92  
GOL C1  H12  sing N N 93  
GOL O1  HO1  sing N N 94  
GOL C2  O2   sing N N 95  
GOL C2  C3   sing N N 96  
GOL C2  H2   sing N N 97  
GOL O2  HO2  sing N N 98  
GOL C3  O3   sing N N 99  
GOL C3  H31  sing N N 100 
GOL C3  H32  sing N N 101 
GOL O3  HO3  sing N N 102 
HIS N   CA   sing N N 103 
HIS N   H    sing N N 104 
HIS N   H2   sing N N 105 
HIS CA  C    sing N N 106 
HIS CA  CB   sing N N 107 
HIS CA  HA   sing N N 108 
HIS C   O    doub N N 109 
HIS C   OXT  sing N N 110 
HIS CB  CG   sing N N 111 
HIS CB  HB2  sing N N 112 
HIS CB  HB3  sing N N 113 
HIS CG  ND1  sing Y N 114 
HIS CG  CD2  doub Y N 115 
HIS ND1 CE1  doub Y N 116 
HIS ND1 HD1  sing N N 117 
HIS CD2 NE2  sing Y N 118 
HIS CD2 HD2  sing N N 119 
HIS CE1 NE2  sing Y N 120 
HIS CE1 HE1  sing N N 121 
HIS NE2 HE2  sing N N 122 
HIS OXT HXT  sing N N 123 
HOH O   H1   sing N N 124 
HOH O   H2   sing N N 125 
ILE N   CA   sing N N 126 
ILE N   H    sing N N 127 
ILE N   H2   sing N N 128 
ILE CA  C    sing N N 129 
ILE CA  CB   sing N N 130 
ILE CA  HA   sing N N 131 
ILE C   O    doub N N 132 
ILE C   OXT  sing N N 133 
ILE CB  CG1  sing N N 134 
ILE CB  CG2  sing N N 135 
ILE CB  HB   sing N N 136 
ILE CG1 CD1  sing N N 137 
ILE CG1 HG12 sing N N 138 
ILE CG1 HG13 sing N N 139 
ILE CG2 HG21 sing N N 140 
ILE CG2 HG22 sing N N 141 
ILE CG2 HG23 sing N N 142 
ILE CD1 HD11 sing N N 143 
ILE CD1 HD12 sing N N 144 
ILE CD1 HD13 sing N N 145 
ILE OXT HXT  sing N N 146 
LEU N   CA   sing N N 147 
LEU N   H    sing N N 148 
LEU N   H2   sing N N 149 
LEU CA  C    sing N N 150 
LEU CA  CB   sing N N 151 
LEU CA  HA   sing N N 152 
LEU C   O    doub N N 153 
LEU C   OXT  sing N N 154 
LEU CB  CG   sing N N 155 
LEU CB  HB2  sing N N 156 
LEU CB  HB3  sing N N 157 
LEU CG  CD1  sing N N 158 
LEU CG  CD2  sing N N 159 
LEU CG  HG   sing N N 160 
LEU CD1 HD11 sing N N 161 
LEU CD1 HD12 sing N N 162 
LEU CD1 HD13 sing N N 163 
LEU CD2 HD21 sing N N 164 
LEU CD2 HD22 sing N N 165 
LEU CD2 HD23 sing N N 166 
LEU OXT HXT  sing N N 167 
LYS N   CA   sing N N 168 
LYS N   H    sing N N 169 
LYS N   H2   sing N N 170 
LYS CA  C    sing N N 171 
LYS CA  CB   sing N N 172 
LYS CA  HA   sing N N 173 
LYS C   O    doub N N 174 
LYS C   OXT  sing N N 175 
LYS CB  CG   sing N N 176 
LYS CB  HB2  sing N N 177 
LYS CB  HB3  sing N N 178 
LYS CG  CD   sing N N 179 
LYS CG  HG2  sing N N 180 
LYS CG  HG3  sing N N 181 
LYS CD  CE   sing N N 182 
LYS CD  HD2  sing N N 183 
LYS CD  HD3  sing N N 184 
LYS CE  NZ   sing N N 185 
LYS CE  HE2  sing N N 186 
LYS CE  HE3  sing N N 187 
LYS NZ  HZ1  sing N N 188 
LYS NZ  HZ2  sing N N 189 
LYS NZ  HZ3  sing N N 190 
LYS OXT HXT  sing N N 191 
MET N   CA   sing N N 192 
MET N   H    sing N N 193 
MET N   H2   sing N N 194 
MET CA  C    sing N N 195 
MET CA  CB   sing N N 196 
MET CA  HA   sing N N 197 
MET C   O    doub N N 198 
MET C   OXT  sing N N 199 
MET CB  CG   sing N N 200 
MET CB  HB2  sing N N 201 
MET CB  HB3  sing N N 202 
MET CG  SD   sing N N 203 
MET CG  HG2  sing N N 204 
MET CG  HG3  sing N N 205 
MET SD  CE   sing N N 206 
MET CE  HE1  sing N N 207 
MET CE  HE2  sing N N 208 
MET CE  HE3  sing N N 209 
MET OXT HXT  sing N N 210 
PHE N   CA   sing N N 211 
PHE N   H    sing N N 212 
PHE N   H2   sing N N 213 
PHE CA  C    sing N N 214 
PHE CA  CB   sing N N 215 
PHE CA  HA   sing N N 216 
PHE C   O    doub N N 217 
PHE C   OXT  sing N N 218 
PHE CB  CG   sing N N 219 
PHE CB  HB2  sing N N 220 
PHE CB  HB3  sing N N 221 
PHE CG  CD1  doub Y N 222 
PHE CG  CD2  sing Y N 223 
PHE CD1 CE1  sing Y N 224 
PHE CD1 HD1  sing N N 225 
PHE CD2 CE2  doub Y N 226 
PHE CD2 HD2  sing N N 227 
PHE CE1 CZ   doub Y N 228 
PHE CE1 HE1  sing N N 229 
PHE CE2 CZ   sing Y N 230 
PHE CE2 HE2  sing N N 231 
PHE CZ  HZ   sing N N 232 
PHE OXT HXT  sing N N 233 
PRO N   CA   sing N N 234 
PRO N   CD   sing N N 235 
PRO N   H    sing N N 236 
PRO CA  C    sing N N 237 
PRO CA  CB   sing N N 238 
PRO CA  HA   sing N N 239 
PRO C   O    doub N N 240 
PRO C   OXT  sing N N 241 
PRO CB  CG   sing N N 242 
PRO CB  HB2  sing N N 243 
PRO CB  HB3  sing N N 244 
PRO CG  CD   sing N N 245 
PRO CG  HG2  sing N N 246 
PRO CG  HG3  sing N N 247 
PRO CD  HD2  sing N N 248 
PRO CD  HD3  sing N N 249 
PRO OXT HXT  sing N N 250 
SER N   CA   sing N N 251 
SER N   H    sing N N 252 
SER N   H2   sing N N 253 
SER CA  C    sing N N 254 
SER CA  CB   sing N N 255 
SER CA  HA   sing N N 256 
SER C   O    doub N N 257 
SER C   OXT  sing N N 258 
SER CB  OG   sing N N 259 
SER CB  HB2  sing N N 260 
SER CB  HB3  sing N N 261 
SER OG  HG   sing N N 262 
SER OXT HXT  sing N N 263 
THR N   CA   sing N N 264 
THR N   H    sing N N 265 
THR N   H2   sing N N 266 
THR CA  C    sing N N 267 
THR CA  CB   sing N N 268 
THR CA  HA   sing N N 269 
THR C   O    doub N N 270 
THR C   OXT  sing N N 271 
THR CB  OG1  sing N N 272 
THR CB  CG2  sing N N 273 
THR CB  HB   sing N N 274 
THR OG1 HG1  sing N N 275 
THR CG2 HG21 sing N N 276 
THR CG2 HG22 sing N N 277 
THR CG2 HG23 sing N N 278 
THR OXT HXT  sing N N 279 
TRP N   CA   sing N N 280 
TRP N   H    sing N N 281 
TRP N   H2   sing N N 282 
TRP CA  C    sing N N 283 
TRP CA  CB   sing N N 284 
TRP CA  HA   sing N N 285 
TRP C   O    doub N N 286 
TRP C   OXT  sing N N 287 
TRP CB  CG   sing N N 288 
TRP CB  HB2  sing N N 289 
TRP CB  HB3  sing N N 290 
TRP CG  CD1  doub Y N 291 
TRP CG  CD2  sing Y N 292 
TRP CD1 NE1  sing Y N 293 
TRP CD1 HD1  sing N N 294 
TRP CD2 CE2  doub Y N 295 
TRP CD2 CE3  sing Y N 296 
TRP NE1 CE2  sing Y N 297 
TRP NE1 HE1  sing N N 298 
TRP CE2 CZ2  sing Y N 299 
TRP CE3 CZ3  doub Y N 300 
TRP CE3 HE3  sing N N 301 
TRP CZ2 CH2  doub Y N 302 
TRP CZ2 HZ2  sing N N 303 
TRP CZ3 CH2  sing Y N 304 
TRP CZ3 HZ3  sing N N 305 
TRP CH2 HH2  sing N N 306 
TRP OXT HXT  sing N N 307 
TYR N   CA   sing N N 308 
TYR N   H    sing N N 309 
TYR N   H2   sing N N 310 
TYR CA  C    sing N N 311 
TYR CA  CB   sing N N 312 
TYR CA  HA   sing N N 313 
TYR C   O    doub N N 314 
TYR C   OXT  sing N N 315 
TYR CB  CG   sing N N 316 
TYR CB  HB2  sing N N 317 
TYR CB  HB3  sing N N 318 
TYR CG  CD1  doub Y N 319 
TYR CG  CD2  sing Y N 320 
TYR CD1 CE1  sing Y N 321 
TYR CD1 HD1  sing N N 322 
TYR CD2 CE2  doub Y N 323 
TYR CD2 HD2  sing N N 324 
TYR CE1 CZ   doub Y N 325 
TYR CE1 HE1  sing N N 326 
TYR CE2 CZ   sing Y N 327 
TYR CE2 HE2  sing N N 328 
TYR CZ  OH   sing N N 329 
TYR OH  HH   sing N N 330 
TYR OXT HXT  sing N N 331 
VAL N   CA   sing N N 332 
VAL N   H    sing N N 333 
VAL N   H2   sing N N 334 
VAL CA  C    sing N N 335 
VAL CA  CB   sing N N 336 
VAL CA  HA   sing N N 337 
VAL C   O    doub N N 338 
VAL C   OXT  sing N N 339 
VAL CB  CG1  sing N N 340 
VAL CB  CG2  sing N N 341 
VAL CB  HB   sing N N 342 
VAL CG1 HG11 sing N N 343 
VAL CG1 HG12 sing N N 344 
VAL CG1 HG13 sing N N 345 
VAL CG2 HG21 sing N N 346 
VAL CG2 HG22 sing N N 347 
VAL CG2 HG23 sing N N 348 
VAL OXT HXT  sing N N 349 
# 
_atom_sites.entry_id                    2BKF 
_atom_sites.fract_transf_matrix[1][1]   -0.00615301 
_atom_sites.fract_transf_matrix[1][2]   0.00454983 
_atom_sites.fract_transf_matrix[1][3]   0.00855265 
_atom_sites.fract_transf_matrix[2][1]   0.00522980 
_atom_sites.fract_transf_matrix[2][2]   0.00599028 
_atom_sites.fract_transf_matrix[2][3]   0.00827571 
_atom_sites.fract_transf_matrix[3][1]   -0.00282368 
_atom_sites.fract_transf_matrix[3][2]   0.01988870 
_atom_sites.fract_transf_matrix[3][3]   -0.01261180 
_atom_sites.fract_transf_vector[1]      0.525773 
_atom_sites.fract_transf_vector[2]      0.875549 
_atom_sites.fract_transf_vector[3]      0.094440 
# 
loop_
_atom_type.symbol 
C 
N 
O 
S 
# 
loop_
_atom_site.group_PDB 
_atom_site.id 
_atom_site.type_symbol 
_atom_site.label_atom_id 
_atom_site.label_alt_id 
_atom_site.label_comp_id 
_atom_site.label_asym_id 
_atom_site.label_entity_id 
_atom_site.label_seq_id 
_atom_site.pdbx_PDB_ins_code 
_atom_site.Cartn_x 
_atom_site.Cartn_y 
_atom_site.Cartn_z 
_atom_site.occupancy 
_atom_site.B_iso_or_equiv 
_atom_site.pdbx_formal_charge 
_atom_site.auth_seq_id 
_atom_site.auth_comp_id 
_atom_site.auth_asym_id 
_atom_site.auth_atom_id 
_atom_site.pdbx_PDB_model_num 
ATOM   1   N N   . ALA A 1 2  ? -16.379 13.878  -3.619  1.00 62.65 ? 0    ALA A N   1 
ATOM   2   C CA  . ALA A 1 2  ? -14.926 13.973  -3.948  1.00 62.81 ? 0    ALA A CA  1 
ATOM   3   C C   . ALA A 1 2  ? -14.136 14.333  -2.698  1.00 61.55 ? 0    ALA A C   1 
ATOM   4   O O   . ALA A 1 2  ? -14.665 15.066  -1.850  1.00 62.58 ? 0    ALA A O   1 
ATOM   5   C CB  . ALA A 1 2  ? -14.712 15.045  -5.024  1.00 62.99 ? 0    ALA A CB  1 
ATOM   6   N N   . MET A 1 3  ? -12.898 13.861  -2.524  1.00 58.64 ? 1    MET A N   1 
ATOM   7   C CA  . MET A 1 3  ? -12.196 12.787  -3.266  1.00 55.85 ? 1    MET A CA  1 
ATOM   8   C C   . MET A 1 3  ? -10.944 12.578  -2.426  1.00 53.32 ? 1    MET A C   1 
ATOM   9   O O   . MET A 1 3  ? -10.405 13.551  -1.894  1.00 51.26 ? 1    MET A O   1 
ATOM   10  C CB  . MET A 1 3  ? -11.791 13.170  -4.701  1.00 57.27 ? 1    MET A CB  1 
ATOM   11  C CG  . MET A 1 3  ? -12.602 12.452  -5.818  1.00 57.94 ? 1    MET A CG  1 
ATOM   12  S SD  . MET A 1 3  ? -11.845 12.500  -7.460  1.00 58.67 ? 1    MET A SD  1 
ATOM   13  C CE  . MET A 1 3  ? -10.993 10.932  -7.535  1.00 56.38 ? 1    MET A CE  1 
ATOM   14  N N   . GLU A 1 4  ? -10.474 11.340  -2.291  1.00 48.92 ? 2    GLU A N   1 
ATOM   15  C CA  . GLU A 1 4  ? -9.415  11.060  -1.322  1.00 48.30 ? 2    GLU A CA  1 
ATOM   16  C C   . GLU A 1 4  ? -8.173  11.906  -1.614  1.00 47.11 ? 2    GLU A C   1 
ATOM   17  O O   . GLU A 1 4  ? -7.742  11.994  -2.764  1.00 44.77 ? 2    GLU A O   1 
ATOM   18  C CB  A GLU A 1 4  ? -9.039  9.585   -1.305  0.50 48.06 ? 2    GLU A CB  1 
ATOM   19  C CB  B GLU A 1 4  ? -9.062  9.560   -1.331  0.50 48.56 ? 2    GLU A CB  1 
ATOM   20  C CG  A GLU A 1 4  ? -7.981  9.265   -0.261  0.50 47.46 ? 2    GLU A CG  1 
ATOM   21  C CG  B GLU A 1 4  ? -10.188 8.653   -0.812  0.50 48.58 ? 2    GLU A CG  1 
ATOM   22  C CD  A GLU A 1 4  ? -7.708  7.794   -0.146  0.50 46.63 ? 2    GLU A CD  1 
ATOM   23  C CD  B GLU A 1 4  ? -9.934  7.161   -1.012  0.50 48.88 ? 2    GLU A CD  1 
ATOM   24  O OE1 A GLU A 1 4  ? -8.385  7.028   -0.861  0.50 45.85 ? 2    GLU A OE1 1 
ATOM   25  O OE1 B GLU A 1 4  ? -9.218  6.781   -1.966  0.50 48.72 ? 2    GLU A OE1 1 
ATOM   26  O OE2 A GLU A 1 4  ? -6.813  7.412   0.642   0.50 45.23 ? 2    GLU A OE2 1 
ATOM   27  O OE2 B GLU A 1 4  ? -10.476 6.365   -0.211  0.50 46.34 ? 2    GLU A OE2 1 
ATOM   28  N N   . PRO A 1 5  ? -7.587  12.533  -0.570  1.00 45.68 ? 3    PRO A N   1 
ATOM   29  C CA  . PRO A 1 5  ? -6.376  13.324  -0.784  1.00 44.79 ? 3    PRO A CA  1 
ATOM   30  C C   . PRO A 1 5  ? -5.154  12.444  -0.973  1.00 42.56 ? 3    PRO A C   1 
ATOM   31  O O   . PRO A 1 5  ? -5.253  11.223  -0.832  1.00 42.77 ? 3    PRO A O   1 
ATOM   32  C CB  . PRO A 1 5  ? -6.251  14.111  0.519   1.00 45.49 ? 3    PRO A CB  1 
ATOM   33  C CG  . PRO A 1 5  ? -6.843  13.207  1.527   1.00 46.18 ? 3    PRO A CG  1 
ATOM   34  C CD  . PRO A 1 5  ? -8.010  12.568  0.843   1.00 47.01 ? 3    PRO A CD  1 
ATOM   35  N N   . GLN A 1 6  ? -4.016  13.067  -1.268  1.00 41.70 ? 4    GLN A N   1 
ATOM   36  C CA  . GLN A 1 6  ? -2.755  12.351  -1.428  1.00 41.73 ? 4    GLN A CA  1 
ATOM   37  C C   . GLN A 1 6  ? -2.544  11.409  -0.250  1.00 42.07 ? 4    GLN A C   1 
ATOM   38  O O   . GLN A 1 6  ? -2.756  11.792  0.897   1.00 43.85 ? 4    GLN A O   1 
ATOM   39  C CB  . GLN A 1 6  ? -1.597  13.346  -1.512  1.00 43.03 ? 4    GLN A CB  1 
ATOM   40  C CG  . GLN A 1 6  ? -0.199  12.749  -1.722  1.00 45.34 ? 4    GLN A CG  1 
ATOM   41  C CD  . GLN A 1 6  ? 0.886   13.804  -1.678  1.00 49.46 ? 4    GLN A CD  1 
ATOM   42  O OE1 . GLN A 1 6  ? 1.193   14.352  -0.611  1.00 55.21 ? 4    GLN A OE1 1 
ATOM   43  N NE2 . GLN A 1 6  ? 1.477   14.098  -2.833  1.00 56.50 ? 4    GLN A NE2 1 
ATOM   44  N N   . VAL A 1 7  ? -2.133  10.176  -0.541  1.00 38.45 ? 5    VAL A N   1 
ATOM   45  C CA  . VAL A 1 7  ? -1.795  9.203   0.489   1.00 39.10 ? 5    VAL A CA  1 
ATOM   46  C C   . VAL A 1 7  ? -0.316  8.886   0.369   1.00 38.97 ? 5    VAL A C   1 
ATOM   47  O O   . VAL A 1 7  ? 0.234   8.855   -0.720  1.00 40.00 ? 5    VAL A O   1 
ATOM   48  C CB  . VAL A 1 7  ? -2.594  7.897   0.326   1.00 39.11 ? 5    VAL A CB  1 
ATOM   49  C CG1 . VAL A 1 7  ? -2.211  7.151   -0.942  1.00 42.17 ? 5    VAL A CG1 1 
ATOM   50  C CG2 . VAL A 1 7  ? -2.410  6.985   1.517   1.00 41.10 ? 5    VAL A CG2 1 
ATOM   51  N N   . THR A 1 8  ? 0.326   8.637   1.502   1.00 37.65 ? 6    THR A N   1 
ATOM   52  C CA  . THR A 1 8  ? 1.703   8.174   1.550   1.00 37.40 ? 6    THR A CA  1 
ATOM   53  C C   . THR A 1 8  ? 1.721   6.687   1.873   1.00 37.51 ? 6    THR A C   1 
ATOM   54  O O   . THR A 1 8  ? 1.158   6.264   2.885   1.00 37.14 ? 6    THR A O   1 
ATOM   55  C CB  . THR A 1 8  ? 2.498   8.956   2.592   1.00 39.26 ? 6    THR A CB  1 
ATOM   56  O OG1 . THR A 1 8  ? 2.483   10.351  2.238   1.00 44.04 ? 6    THR A OG1 1 
ATOM   57  C CG2 . THR A 1 8  ? 3.935   8.467   2.677   1.00 42.09 ? 6    THR A CG2 1 
ATOM   58  N N   . LEU A 1 9  ? 2.344   5.903   0.998   1.00 36.53 ? 7    LEU A N   1 
ATOM   59  C CA  . LEU A 1 9  ? 2.522   4.456   1.250   1.00 35.94 ? 7    LEU A CA  1 
ATOM   60  C C   . LEU A 1 9  ? 3.948   4.248   1.725   1.00 37.74 ? 7    LEU A C   1 
ATOM   61  O O   . LEU A 1 9  ? 4.885   4.487   0.981   1.00 38.76 ? 7    LEU A O   1 
ATOM   62  C CB  . LEU A 1 9  ? 2.301   3.639   -0.006  1.00 37.41 ? 7    LEU A CB  1 
ATOM   63  C CG  . LEU A 1 9  ? 0.982   3.912   -0.721  1.00 37.82 ? 7    LEU A CG  1 
ATOM   64  C CD1 . LEU A 1 9  ? 0.861   3.076   -1.969  1.00 41.39 ? 7    LEU A CD1 1 
ATOM   65  C CD2 . LEU A 1 9  ? -0.180  3.677   0.195   1.00 39.24 ? 7    LEU A CD2 1 
ATOM   66  N N   . ASN A 1 10 ? 4.106   3.807   2.973   1.00 36.73 ? 8    ASN A N   1 
ATOM   67  C CA  . ASN A 1 10 ? 5.418   3.581   3.542   1.00 37.43 ? 8    ASN A CA  1 
ATOM   68  C C   . ASN A 1 10 ? 5.633   2.089   3.452   1.00 37.61 ? 8    ASN A C   1 
ATOM   69  O O   . ASN A 1 10 ? 4.967   1.341   4.178   1.00 39.55 ? 8    ASN A O   1 
ATOM   70  C CB  . ASN A 1 10 ? 5.443   4.045   4.981   1.00 38.64 ? 8    ASN A CB  1 
ATOM   71  C CG  . ASN A 1 10 ? 5.207   5.528   5.112   1.00 41.07 ? 8    ASN A CG  1 
ATOM   72  O OD1 . ASN A 1 10 ? 5.863   6.321   4.440   1.00 43.25 ? 8    ASN A OD1 1 
ATOM   73  N ND2 . ASN A 1 10 ? 4.279   5.912   5.974   1.00 45.18 ? 8    ASN A ND2 1 
ATOM   74  N N   . VAL A 1 11 ? 6.487   1.658   2.537   1.00 36.21 ? 9    VAL A N   1 
ATOM   75  C CA  . VAL A 1 11 ? 6.587   0.244   2.180   1.00 36.32 ? 9    VAL A CA  1 
ATOM   76  C C   . VAL A 1 11 ? 7.933   -0.307  2.615   1.00 37.14 ? 9    VAL A C   1 
ATOM   77  O O   . VAL A 1 11 ? 8.978   0.158   2.187   1.00 37.17 ? 9    VAL A O   1 
ATOM   78  C CB  . VAL A 1 11 ? 6.440   0.029   0.682   1.00 37.63 ? 9    VAL A CB  1 
ATOM   79  C CG1 . VAL A 1 11 ? 6.480   -1.426  0.332   1.00 39.69 ? 9    VAL A CG1 1 
ATOM   80  C CG2 . VAL A 1 11 ? 5.155   0.695   0.190   1.00 36.90 ? 9    VAL A CG2 1 
ATOM   81  N N   . THR A 1 12 ? 7.908   -1.289  3.519   1.00 35.69 ? 10   THR A N   1 
ATOM   82  C CA  . THR A 1 12 ? 9.097   -1.967  4.014   1.00 36.16 ? 10   THR A CA  1 
ATOM   83  C C   . THR A 1 12 ? 9.310   -3.293  3.299   1.00 34.59 ? 10   THR A C   1 
ATOM   84  O O   . THR A 1 12 ? 8.390   -4.079  3.125   1.00 38.12 ? 10   THR A O   1 
ATOM   85  C CB  . THR A 1 12 ? 8.980   -2.254  5.513   1.00 37.19 ? 10   THR A CB  1 
ATOM   86  O OG1 . THR A 1 12 ? 8.902   -1.019  6.242   1.00 39.86 ? 10   THR A OG1 1 
ATOM   87  C CG2 . THR A 1 12 ? 10.175  -3.006  5.983   1.00 38.42 ? 10   THR A CG2 1 
ATOM   88  N N   . PHE A 1 13 ? 10.532  -3.499  2.874   1.00 37.97 ? 11   PHE A N   1 
ATOM   89  C CA  . PHE A 1 13 ? 11.001  -4.777  2.414   1.00 36.79 ? 11   PHE A CA  1 
ATOM   90  C C   . PHE A 1 13 ? 12.309  -5.041  3.121   1.00 35.44 ? 11   PHE A C   1 
ATOM   91  O O   . PHE A 1 13 ? 13.306  -4.391  2.882   1.00 35.33 ? 11   PHE A O   1 
ATOM   92  C CB  . PHE A 1 13 ? 11.215  -4.754  0.911   1.00 37.06 ? 11   PHE A CB  1 
ATOM   93  C CG  . PHE A 1 13 ? 11.747  -6.064  0.375   1.00 37.99 ? 11   PHE A CG  1 
ATOM   94  C CD1 . PHE A 1 13 ? 11.062  -7.250  0.614   1.00 40.29 ? 11   PHE A CD1 1 
ATOM   95  C CD2 . PHE A 1 13 ? 12.955  -6.107  -0.305  1.00 40.52 ? 11   PHE A CD2 1 
ATOM   96  C CE1 . PHE A 1 13 ? 11.555  -8.459  0.153   1.00 38.67 ? 11   PHE A CE1 1 
ATOM   97  C CE2 . PHE A 1 13 ? 13.453  -7.312  -0.785  1.00 39.30 ? 11   PHE A CE2 1 
ATOM   98  C CZ  . PHE A 1 13 ? 12.768  -8.493  -0.525  1.00 39.36 ? 11   PHE A CZ  1 
ATOM   99  N N   . LYS A 1 14 ? 12.299  -6.024  4.007   1.00 35.78 ? 12   LYS A N   1 
ATOM   100 C CA  . LYS A 1 14 ? 13.463  -6.397  4.777   1.00 35.92 ? 12   LYS A CA  1 
ATOM   101 C C   . LYS A 1 14 ? 13.879  -5.175  5.559   1.00 37.47 ? 12   LYS A C   1 
ATOM   102 O O   . LYS A 1 14 ? 13.072  -4.681  6.363   1.00 37.74 ? 12   LYS A O   1 
ATOM   103 C CB  . LYS A 1 14 ? 14.558  -7.027  3.906   1.00 36.55 ? 12   LYS A CB  1 
ATOM   104 C CG  . LYS A 1 14 ? 14.067  -8.336  3.267   1.00 40.35 ? 12   LYS A CG  1 
ATOM   105 C CD  . LYS A 1 14 ? 15.126  -9.013  2.430   1.00 43.45 ? 12   LYS A CD  1 
ATOM   106 C CE  . LYS A 1 14 ? 14.612  -10.349 1.825   1.00 44.81 ? 12   LYS A CE  1 
ATOM   107 N NZ  . LYS A 1 14 ? 14.551  -11.467 2.797   1.00 50.23 ? 12   LYS A NZ  1 
ATOM   108 N N   . ASN A 1 15 ? 15.100  -4.666  5.370   1.00 37.09 ? 13   ASN A N   1 
ATOM   109 C CA  . ASN A 1 15 ? 15.513  -3.459  6.116   1.00 35.65 ? 13   ASN A CA  1 
ATOM   110 C C   . ASN A 1 15 ? 15.548  -2.202  5.274   1.00 34.74 ? 13   ASN A C   1 
ATOM   111 O O   . ASN A 1 15 ? 16.207  -1.242  5.644   1.00 36.48 ? 13   ASN A O   1 
ATOM   112 C CB  . ASN A 1 15 ? 16.810  -3.697  6.773   1.00 38.03 ? 13   ASN A CB  1 
ATOM   113 C CG  . ASN A 1 15 ? 16.682  -4.729  7.837   1.00 37.74 ? 13   ASN A CG  1 
ATOM   114 O OD1 . ASN A 1 15 ? 17.168  -5.837  7.675   1.00 42.18 ? 13   ASN A OD1 1 
ATOM   115 N ND2 . ASN A 1 15 ? 15.938  -4.405  8.916   1.00 38.75 ? 13   ASN A ND2 1 
ATOM   116 N N   . GLU A 1 16 ? 14.848  -2.265  4.178   1.00 34.62 ? 14   GLU A N   1 
ATOM   117 C CA  . GLU A 1 16 ? 14.703  -1.095  3.310   1.00 34.69 ? 14   GLU A CA  1 
ATOM   118 C C   . GLU A 1 16 ? 13.288  -0.575  3.420   1.00 36.63 ? 14   GLU A C   1 
ATOM   119 O O   . GLU A 1 16 ? 12.331  -1.348  3.475   1.00 38.10 ? 14   GLU A O   1 
ATOM   120 C CB  . GLU A 1 16 ? 15.021  -1.460  1.876   1.00 36.56 ? 14   GLU A CB  1 
ATOM   121 C CG  . GLU A 1 16 ? 15.015  -0.246  0.944   1.00 42.07 ? 14   GLU A CG  1 
ATOM   122 C CD  . GLU A 1 16 ? 15.194  -0.634  -0.485  1.00 45.90 ? 14   GLU A CD  1 
ATOM   123 O OE1 . GLU A 1 16 ? 15.590  -1.807  -0.738  1.00 50.30 ? 14   GLU A OE1 1 
ATOM   124 O OE2 . GLU A 1 16 ? 14.911  0.231   -1.353  1.00 48.03 ? 14   GLU A OE2 1 
ATOM   125 N N   . ILE A 1 17 ? 13.136  0.757   3.423   1.00 36.20 ? 15   ILE A N   1 
ATOM   126 C CA  . ILE A 1 17 ? 11.809  1.325   3.391   1.00 36.79 ? 15   ILE A CA  1 
ATOM   127 C C   . ILE A 1 17 ? 11.789  2.432   2.367   1.00 37.79 ? 15   ILE A C   1 
ATOM   128 O O   . ILE A 1 17 ? 12.741  3.216   2.287   1.00 39.15 ? 15   ILE A O   1 
ATOM   129 C CB  . ILE A 1 17 ? 11.381  1.869   4.783   1.00 38.08 ? 15   ILE A CB  1 
ATOM   130 C CG1 . ILE A 1 17 ? 9.945   2.410   4.704   1.00 38.90 ? 15   ILE A CG1 1 
ATOM   131 C CG2 . ILE A 1 17 ? 12.359  2.856   5.341   1.00 37.35 ? 15   ILE A CG2 1 
ATOM   132 C CD1 . ILE A 1 17 ? 9.331   2.636   6.018   1.00 39.93 ? 15   ILE A CD1 1 
ATOM   133 N N   . GLN A 1 18 ? 10.723  2.450   1.596   1.00 37.31 ? 16   GLN A N   1 
ATOM   134 C CA  . GLN A 1 18 ? 10.482  3.549   0.684   1.00 40.96 ? 16   GLN A CA  1 
ATOM   135 C C   . GLN A 1 18 ? 9.120   4.090   0.905   1.00 41.03 ? 16   GLN A C   1 
ATOM   136 O O   . GLN A 1 18 ? 8.163   3.339   1.121   1.00 42.42 ? 16   GLN A O   1 
ATOM   137 C CB  . GLN A 1 18 ? 10.636  3.071   -0.695  1.00 40.30 ? 16   GLN A CB  1 
ATOM   138 C CG  . GLN A 1 18 ? 12.025  2.739   -1.013  1.00 41.54 ? 16   GLN A CG  1 
ATOM   139 C CD  . GLN A 1 18 ? 12.267  2.823   -2.457  1.00 49.48 ? 16   GLN A CD  1 
ATOM   140 O OE1 . GLN A 1 18 ? 12.173  3.949   -3.039  1.00 43.35 ? 16   GLN A OE1 1 
ATOM   141 N NE2 . GLN A 1 18 ? 12.570  1.670   -3.088  1.00 48.04 ? 16   GLN A NE2 1 
ATOM   142 N N   . SER A 1 19 ? 9.025   5.412   0.815   1.00 41.06 ? 17   SER A N   1 
ATOM   143 C CA  . SER A 1 19 ? 7.719   6.066   0.896   1.00 40.57 ? 17   SER A CA  1 
ATOM   144 C C   . SER A 1 19 ? 7.301   6.516   -0.487  1.00 40.55 ? 17   SER A C   1 
ATOM   145 O O   . SER A 1 19 ? 8.084   7.127   -1.214  1.00 43.75 ? 17   SER A O   1 
ATOM   146 C CB  . SER A 1 19 ? 7.729   7.222   1.885   1.00 41.13 ? 17   SER A CB  1 
ATOM   147 O OG  . SER A 1 19 ? 7.995   6.747   3.213   1.00 44.73 ? 17   SER A OG  1 
ATOM   148 N N   . PHE A 1 20 ? 6.093   6.182   -0.852  1.00 37.26 ? 18   PHE A N   1 
ATOM   149 C CA  . PHE A 1 20 ? 5.569   6.628   -2.153  1.00 39.27 ? 18   PHE A CA  1 
ATOM   150 C C   . PHE A 1 20 ? 4.446   7.597   -1.896  1.00 39.36 ? 18   PHE A C   1 
ATOM   151 O O   . PHE A 1 20 ? 3.479   7.254   -1.238  1.00 40.38 ? 18   PHE A O   1 
ATOM   152 C CB  . PHE A 1 20 ? 5.049   5.420   -2.928  1.00 42.10 ? 18   PHE A CB  1 
ATOM   153 C CG  . PHE A 1 20 ? 6.095   4.367   -3.187  1.00 41.95 ? 18   PHE A CG  1 
ATOM   154 C CD1 . PHE A 1 20 ? 6.203   3.288   -2.338  1.00 42.21 ? 18   PHE A CD1 1 
ATOM   155 C CD2 . PHE A 1 20 ? 6.900   4.387   -4.316  1.00 47.21 ? 18   PHE A CD2 1 
ATOM   156 C CE1 . PHE A 1 20 ? 7.167   2.284   -2.525  1.00 45.94 ? 18   PHE A CE1 1 
ATOM   157 C CE2 . PHE A 1 20 ? 7.859   3.362   -4.523  1.00 48.93 ? 18   PHE A CE2 1 
ATOM   158 C CZ  . PHE A 1 20 ? 7.994   2.326   -3.581  1.00 46.40 ? 18   PHE A CZ  1 
ATOM   159 N N   . LEU A 1 21 ? 4.566   8.819   -2.416  1.00 41.40 ? 19   LEU A N   1 
ATOM   160 C CA  . LEU A 1 21 ? 3.467   9.785   -2.306  1.00 42.48 ? 19   LEU A CA  1 
ATOM   161 C C   . LEU A 1 21 ? 2.605   9.569   -3.528  1.00 44.62 ? 19   LEU A C   1 
ATOM   162 O O   . LEU A 1 21 ? 3.087   9.796   -4.646  1.00 50.69 ? 19   LEU A O   1 
ATOM   163 C CB  . LEU A 1 21 ? 3.989   11.236  -2.254  1.00 44.83 ? 19   LEU A CB  1 
ATOM   164 C CG  . LEU A 1 21 ? 4.951   11.675  -1.150  1.00 48.73 ? 19   LEU A CG  1 
ATOM   165 C CD1 . LEU A 1 21 ? 5.232   13.190  -1.220  1.00 46.90 ? 19   LEU A CD1 1 
ATOM   166 C CD2 . LEU A 1 21 ? 4.466   11.320  0.233   1.00 50.25 ? 19   LEU A CD2 1 
ATOM   167 N N   . VAL A 1 22 ? 1.348   9.137   -3.321  1.00 39.19 ? 20   VAL A N   1 
ATOM   168 C CA  . VAL A 1 22 ? 0.391   8.813   -4.373  1.00 40.59 ? 20   VAL A CA  1 
ATOM   169 C C   . VAL A 1 22 ? -0.659  9.911   -4.370  1.00 38.81 ? 20   VAL A C   1 
ATOM   170 O O   . VAL A 1 22 ? -1.469  10.023  -3.465  1.00 38.80 ? 20   VAL A O   1 
ATOM   171 C CB  . VAL A 1 22 ? -0.242  7.487   -4.102  1.00 40.15 ? 20   VAL A CB  1 
ATOM   172 C CG1 . VAL A 1 22 ? -1.337  7.139   -5.106  1.00 42.49 ? 20   VAL A CG1 1 
ATOM   173 C CG2 . VAL A 1 22 ? 0.855   6.377   -4.071  1.00 40.68 ? 20   VAL A CG2 1 
ATOM   174 N N   . SER A 1 23 ? -0.623  10.726  -5.404  1.00 37.97 ? 21   SER A N   1 
ATOM   175 C CA  . SER A 1 23 ? -1.394  11.942  -5.414  1.00 37.44 ? 21   SER A CA  1 
ATOM   176 C C   . SER A 1 23 ? -2.908  11.771  -5.374  1.00 41.00 ? 21   SER A C   1 
ATOM   177 O O   . SER A 1 23 ? -3.608  12.543  -4.714  1.00 45.36 ? 21   SER A O   1 
ATOM   178 C CB  . SER A 1 23 ? -1.004  12.788  -6.622  1.00 37.54 ? 21   SER A CB  1 
ATOM   179 O OG  . SER A 1 23 ? 0.219   13.465  -6.349  1.00 42.78 ? 21   SER A OG  1 
ATOM   180 N N   . ASP A 1 24 ? -3.434  10.811  -6.101  1.00 40.36 ? 22   ASP A N   1 
ATOM   181 C CA  . ASP A 1 24 ? -4.894  10.731  -6.258  1.00 39.24 ? 22   ASP A CA  1 
ATOM   182 C C   . ASP A 1 24 ? -5.266  9.276   -6.132  1.00 37.89 ? 22   ASP A C   1 
ATOM   183 O O   . ASP A 1 24 ? -5.543  8.646   -7.134  1.00 39.34 ? 22   ASP A O   1 
ATOM   184 C CB  . ASP A 1 24 ? -5.233  11.308  -7.633  1.00 39.67 ? 22   ASP A CB  1 
ATOM   185 C CG  . ASP A 1 24 ? -6.729  11.424  -7.927  1.00 39.69 ? 22   ASP A CG  1 
ATOM   186 O OD1 . ASP A 1 24 ? -7.584  11.039  -7.106  1.00 42.35 ? 22   ASP A OD1 1 
ATOM   187 O OD2 . ASP A 1 24 ? -7.035  11.911  -9.041  1.00 42.61 ? 22   ASP A OD2 1 
ATOM   188 N N   . PRO A 1 25 ? -5.270  8.751   -4.893  1.00 38.46 ? 23   PRO A N   1 
ATOM   189 C CA  . PRO A 1 25 ? -5.438  7.315   -4.721  1.00 39.30 ? 23   PRO A CA  1 
ATOM   190 C C   . PRO A 1 25 ? -6.704  6.711   -5.288  1.00 39.68 ? 23   PRO A C   1 
ATOM   191 O O   . PRO A 1 25 ? -6.680  5.560   -5.719  1.00 39.15 ? 23   PRO A O   1 
ATOM   192 C CB  . PRO A 1 25 ? -5.382  7.101   -3.198  1.00 41.34 ? 23   PRO A CB  1 
ATOM   193 C CG  . PRO A 1 25 ? -5.201  8.391   -2.586  1.00 38.96 ? 23   PRO A CG  1 
ATOM   194 C CD  . PRO A 1 25 ? -5.077  9.461   -3.621  1.00 39.71 ? 23   PRO A CD  1 
ATOM   195 N N   . GLU A 1 26 ? -7.809  7.455   -5.322  1.00 38.84 ? 24   GLU A N   1 
ATOM   196 C CA  . GLU A 1 26 ? -9.014  6.927   -5.973  1.00 38.85 ? 24   GLU A CA  1 
ATOM   197 C C   . GLU A 1 26 ? -8.804  6.690   -7.453  1.00 36.79 ? 24   GLU A C   1 
ATOM   198 O O   . GLU A 1 26 ? -9.570  5.989   -8.094  1.00 37.45 ? 24   GLU A O   1 
ATOM   199 C CB  . GLU A 1 26 ? -10.200 7.874   -5.845  1.00 41.40 ? 24   GLU A CB  1 
ATOM   200 C CG  . GLU A 1 26 ? -10.939 7.723   -4.573  1.00 44.12 ? 24   GLU A CG  1 
ATOM   201 C CD  . GLU A 1 26 ? -12.180 8.576   -4.554  1.00 43.75 ? 24   GLU A CD  1 
ATOM   202 O OE1 . GLU A 1 26 ? -13.061 8.399   -5.439  1.00 46.32 ? 24   GLU A OE1 1 
ATOM   203 O OE2 . GLU A 1 26 ? -12.269 9.418   -3.642  1.00 44.98 ? 24   GLU A OE2 1 
ATOM   204 N N   . ASN A 1 27 ? -7.795  7.357   -8.007  1.00 36.60 ? 25   ASN A N   1 
ATOM   205 C CA  . ASN A 1 27 ? -7.466  7.208   -9.397  1.00 33.29 ? 25   ASN A CA  1 
ATOM   206 C C   . ASN A 1 27 ? -6.323  6.276   -9.654  1.00 36.99 ? 25   ASN A C   1 
ATOM   207 O O   . ASN A 1 27 ? -5.609  6.426   -10.645 1.00 39.97 ? 25   ASN A O   1 
ATOM   208 C CB  . ASN A 1 27 ? -7.160  8.584   -10.021 1.00 33.96 ? 25   ASN A CB  1 
ATOM   209 C CG  . ASN A 1 27 ? -7.264  8.557   -11.535 1.00 34.44 ? 25   ASN A CG  1 
ATOM   210 O OD1 . ASN A 1 27 ? -8.062  7.838   -12.124 1.00 36.87 ? 25   ASN A OD1 1 
ATOM   211 N ND2 . ASN A 1 27 ? -6.457  9.392   -12.185 1.00 37.94 ? 25   ASN A ND2 1 
ATOM   212 N N   . THR A 1 28 ? -6.141  5.318   -8.752  1.00 37.19 ? 26   THR A N   1 
ATOM   213 C CA  . THR A 1 28 ? -5.101  4.325   -8.910  1.00 37.54 ? 26   THR A CA  1 
ATOM   214 C C   . THR A 1 28 ? -5.648  2.920   -8.771  1.00 36.58 ? 26   THR A C   1 
ATOM   215 O O   . THR A 1 28 ? -6.712  2.710   -8.186  1.00 37.87 ? 26   THR A O   1 
ATOM   216 C CB  . THR A 1 28 ? -3.988  4.468   -7.888  1.00 36.94 ? 26   THR A CB  1 
ATOM   217 O OG1 . THR A 1 28 ? -4.456  4.247   -6.553  1.00 36.72 ? 26   THR A OG1 1 
ATOM   218 C CG2 . THR A 1 28 ? -3.394  5.874   -7.965  1.00 37.89 ? 26   THR A CG2 1 
ATOM   219 N N   . THR A 1 29 ? -4.916  1.970   -9.341  1.00 38.82 ? 27   THR A N   1 
ATOM   220 C CA  . THR A 1 29 ? -5.281  0.568   -9.219  1.00 37.27 ? 27   THR A CA  1 
ATOM   221 C C   . THR A 1 29 ? -4.238  -0.125  -8.375  1.00 36.60 ? 27   THR A C   1 
ATOM   222 O O   . THR A 1 29 ? -3.078  0.296   -8.313  1.00 37.83 ? 27   THR A O   1 
ATOM   223 C CB  . THR A 1 29 ? -5.337  -0.113  -10.568 1.00 37.30 ? 27   THR A CB  1 
ATOM   224 O OG1 . THR A 1 29 ? -4.060  -0.073  -11.177 1.00 40.88 ? 27   THR A OG1 1 
ATOM   225 C CG2 . THR A 1 29 ? -6.308  0.602   -11.455 1.00 38.65 ? 27   THR A CG2 1 
ATOM   226 N N   . TRP A 1 30 ? -4.684  -1.167  -7.712  1.00 38.68 ? 28   TRP A N   1 
ATOM   227 C CA  . TRP A 1 30 ? -3.775  -2.024  -6.972  1.00 37.39 ? 28   TRP A CA  1 
ATOM   228 C C   . TRP A 1 30 ? -2.696  -2.583  -7.894  1.00 36.00 ? 28   TRP A C   1 
ATOM   229 O O   . TRP A 1 30 ? -1.528  -2.636  -7.492  1.00 37.18 ? 28   TRP A O   1 
ATOM   230 C CB  . TRP A 1 30 ? -4.547  -3.135  -6.299  1.00 38.02 ? 28   TRP A CB  1 
ATOM   231 C CG  . TRP A 1 30 ? -3.702  -4.067  -5.498  1.00 38.34 ? 28   TRP A CG  1 
ATOM   232 C CD1 . TRP A 1 30 ? -3.612  -5.400  -5.665  1.00 40.74 ? 28   TRP A CD1 1 
ATOM   233 C CD2 . TRP A 1 30 ? -2.793  -3.716  -4.444  1.00 38.48 ? 28   TRP A CD2 1 
ATOM   234 N NE1 . TRP A 1 30 ? -2.722  -5.928  -4.746  1.00 39.96 ? 28   TRP A NE1 1 
ATOM   235 C CE2 . TRP A 1 30 ? -2.220  -4.915  -3.979  1.00 39.71 ? 28   TRP A CE2 1 
ATOM   236 C CE3 . TRP A 1 30 ? -2.451  -2.514  -3.810  1.00 40.87 ? 28   TRP A CE3 1 
ATOM   237 C CZ2 . TRP A 1 30 ? -1.274  -4.931  -2.951  1.00 40.21 ? 28   TRP A CZ2 1 
ATOM   238 C CZ3 . TRP A 1 30 ? -1.514  -2.534  -2.775  1.00 40.10 ? 28   TRP A CZ3 1 
ATOM   239 C CH2 . TRP A 1 30 ? -0.951  -3.747  -2.354  1.00 41.07 ? 28   TRP A CH2 1 
ATOM   240 N N   . ALA A 1 31 ? -3.041  -2.933  -9.124  1.00 37.18 ? 29   ALA A N   1 
ATOM   241 C CA  . ALA A 1 31 ? -2.034  -3.415  -10.069 1.00 37.35 ? 29   ALA A CA  1 
ATOM   242 C C   . ALA A 1 31 ? -0.915  -2.407  -10.246 1.00 37.47 ? 29   ALA A C   1 
ATOM   243 O O   . ALA A 1 31 ? 0.258   -2.762  -10.242 1.00 37.81 ? 29   ALA A O   1 
ATOM   244 C CB  . ALA A 1 31 ? -2.661  -3.772  -11.375 1.00 38.38 ? 29   ALA A CB  1 
ATOM   245 N N   . ASP A 1 32 ? -1.265  -1.123  -10.318 1.00 39.01 ? 30   ASP A N   1 
ATOM   246 C CA  . ASP A 1 32 ? -0.273  -0.084  -10.479 1.00 39.23 ? 30   ASP A CA  1 
ATOM   247 C C   . ASP A 1 32 ? 0.658   0.025   -9.246  1.00 36.88 ? 30   ASP A C   1 
ATOM   248 O O   . ASP A 1 32 ? 1.878   0.231   -9.338  1.00 36.34 ? 30   ASP A O   1 
ATOM   249 C CB  . ASP A 1 32 ? -0.963  1.281   -10.616 1.00 40.91 ? 30   ASP A CB  1 
ATOM   250 C CG  . ASP A 1 32 ? -1.763  1.436   -11.828 1.00 47.29 ? 30   ASP A CG  1 
ATOM   251 O OD1 . ASP A 1 32 ? -1.495  0.738   -12.831 1.00 47.88 ? 30   ASP A OD1 1 
ATOM   252 O OD2 . ASP A 1 32 ? -2.672  2.312   -11.759 1.00 53.61 ? 30   ASP A OD2 1 
ATOM   253 N N   . ILE A 1 33 ? 0.065   -0.059  -8.066  1.00 36.55 ? 31   ILE A N   1 
ATOM   254 C CA  . ILE A 1 33 ? 0.814   0.032   -6.817  1.00 37.38 ? 31   ILE A CA  1 
ATOM   255 C C   . ILE A 1 33 ? 1.738   -1.163  -6.704  1.00 37.80 ? 31   ILE A C   1 
ATOM   256 O O   . ILE A 1 33 ? 2.911   -1.007  -6.406  1.00 37.77 ? 31   ILE A O   1 
ATOM   257 C CB  . ILE A 1 33 ? -0.087  0.075   -5.582  1.00 39.44 ? 31   ILE A CB  1 
ATOM   258 C CG1 . ILE A 1 33 ? -1.025  1.278   -5.632  1.00 39.77 ? 31   ILE A CG1 1 
ATOM   259 C CG2 . ILE A 1 33 ? 0.743   0.114   -4.311  1.00 40.14 ? 31   ILE A CG2 1 
ATOM   260 C CD1 . ILE A 1 33 ? -0.363  2.600   -5.848  1.00 41.80 ? 31   ILE A CD1 1 
ATOM   261 N N   . GLU A 1 34 ? 1.203   -2.365  -6.901  1.00 39.83 ? 32   GLU A N   1 
ATOM   262 C CA  . GLU A 1 34 ? 2.051   -3.577  -6.874  1.00 40.26 ? 32   GLU A CA  1 
ATOM   263 C C   . GLU A 1 34 ? 3.219   -3.459  -7.824  1.00 38.20 ? 32   GLU A C   1 
ATOM   264 O O   . GLU A 1 34 ? 4.348   -3.808  -7.508  1.00 38.99 ? 32   GLU A O   1 
ATOM   265 C CB  . GLU A 1 34 ? 1.269   -4.828  -7.246  1.00 42.70 ? 32   GLU A CB  1 
ATOM   266 C CG  . GLU A 1 34 ? 0.456   -5.383  -6.115  1.00 49.30 ? 32   GLU A CG  1 
ATOM   267 C CD  . GLU A 1 34 ? 0.345   -6.915  -6.165  1.00 50.12 ? 32   GLU A CD  1 
ATOM   268 O OE1 . GLU A 1 34 ? 0.029   -7.478  -7.224  1.00 56.66 ? 32   GLU A OE1 1 
ATOM   269 O OE2 . GLU A 1 34 ? 0.592   -7.540  -5.124  1.00 56.38 ? 32   GLU A OE2 1 
ATOM   270 N N   . ALA A 1 35 ? 2.952   -2.957  -9.027  1.00 37.08 ? 33   ALA A N   1 
ATOM   271 C CA  . ALA A 1 35 ? 3.992   -2.814  -10.017 1.00 37.19 ? 33   ALA A CA  1 
ATOM   272 C C   . ALA A 1 35 ? 5.060   -1.842  -9.545  1.00 34.72 ? 33   ALA A C   1 
ATOM   273 O O   . ALA A 1 35 ? 6.247   -2.057  -9.721  1.00 38.30 ? 33   ALA A O   1 
ATOM   274 C CB  . ALA A 1 35 ? 3.406   -2.348  -11.319 1.00 36.62 ? 33   ALA A CB  1 
ATOM   275 N N   . MET A 1 36 ? 4.658   -0.752  -8.890  1.00 35.72 ? 34   MET A N   1 
ATOM   276 C CA  . MET A 1 36 ? 5.618   0.195   -8.378  1.00 37.58 ? 34   MET A CA  1 
ATOM   277 C C   . MET A 1 36 ? 6.535   -0.428  -7.320  1.00 35.81 ? 34   MET A C   1 
ATOM   278 O O   . MET A 1 36 ? 7.731   -0.188  -7.273  1.00 37.01 ? 34   MET A O   1 
ATOM   279 C CB  A MET A 1 36 ? 4.862   1.452   -7.888  0.50 37.01 ? 34   MET A CB  1 
ATOM   280 C CB  B MET A 1 36 ? 4.949   1.369   -7.676  0.50 41.46 ? 34   MET A CB  1 
ATOM   281 C CG  A MET A 1 36 ? 5.713   2.457   -7.117  0.50 36.33 ? 34   MET A CG  1 
ATOM   282 C CG  B MET A 1 36 ? 3.989   2.159   -8.444  0.50 44.21 ? 34   MET A CG  1 
ATOM   283 S SD  A MET A 1 36 ? 4.822   4.061   -6.922  0.50 39.34 ? 34   MET A SD  1 
ATOM   284 S SD  B MET A 1 36 ? 4.048   3.818   -7.723  0.50 47.90 ? 34   MET A SD  1 
ATOM   285 C CE  A MET A 1 36 ? 3.361   3.514   -6.064  0.50 41.23 ? 34   MET A CE  1 
ATOM   286 C CE  B MET A 1 36 ? 3.962   3.590   -5.952  0.50 44.04 ? 34   MET A CE  1 
ATOM   287 N N   . VAL A 1 37 ? 5.929   -1.219  -6.437  1.00 35.41 ? 35   VAL A N   1 
ATOM   288 C CA  . VAL A 1 37 ? 6.678   -1.881  -5.379  1.00 35.59 ? 35   VAL A CA  1 
ATOM   289 C C   . VAL A 1 37 ? 7.656   -2.940  -5.966  1.00 35.09 ? 35   VAL A C   1 
ATOM   290 O O   . VAL A 1 37 ? 8.798   -3.033  -5.544  1.00 36.46 ? 35   VAL A O   1 
ATOM   291 C CB  . VAL A 1 37 ? 5.690   -2.543  -4.443  1.00 37.40 ? 35   VAL A CB  1 
ATOM   292 C CG1 . VAL A 1 37 ? 6.430   -3.483  -3.480  1.00 38.74 ? 35   VAL A CG1 1 
ATOM   293 C CG2 . VAL A 1 37 ? 4.922   -1.495  -3.716  1.00 36.62 ? 35   VAL A CG2 1 
ATOM   294 N N   . LYS A 1 38 ? 7.201   -3.703  -6.944  1.00 35.51 ? 36   LYS A N   1 
ATOM   295 C CA  . LYS A 1 38 ? 8.011   -4.694  -7.655  1.00 36.87 ? 36   LYS A CA  1 
ATOM   296 C C   . LYS A 1 38 ? 9.206   -4.072  -8.307  1.00 35.69 ? 36   LYS A C   1 
ATOM   297 O O   . LYS A 1 38 ? 10.299  -4.560  -8.210  1.00 37.71 ? 36   LYS A O   1 
ATOM   298 C CB  . LYS A 1 38 ? 7.185   -5.458  -8.671  1.00 38.85 ? 36   LYS A CB  1 
ATOM   299 C CG  . LYS A 1 38 ? 6.280   -6.495  -8.040  1.00 40.63 ? 36   LYS A CG  1 
ATOM   300 C CD  . LYS A 1 38 ? 5.486   -7.230  -9.103  1.00 41.79 ? 36   LYS A CD  1 
ATOM   301 C CE  . LYS A 1 38 ? 4.412   -8.073  -8.478  1.00 47.39 ? 36   LYS A CE  1 
ATOM   302 N NZ  . LYS A 1 38 ? 3.800   -9.020  -9.473  1.00 48.49 ? 36   LYS A NZ  1 
ATOM   303 N N   . VAL A 1 39 ? 8.984   -2.942  -8.994  1.00 38.03 ? 37   VAL A N   1 
ATOM   304 C CA  . VAL A 1 39 ? 10.061  -2.280  -9.687  1.00 40.44 ? 37   VAL A CA  1 
ATOM   305 C C   . VAL A 1 39 ? 11.058  -1.714  -8.688  1.00 40.49 ? 37   VAL A C   1 
ATOM   306 O O   . VAL A 1 39 ? 12.277  -1.812  -8.849  1.00 46.44 ? 37   VAL A O   1 
ATOM   307 C CB  . VAL A 1 39 ? 9.472   -1.161  -10.596 1.00 41.83 ? 37   VAL A CB  1 
ATOM   308 C CG1 . VAL A 1 39 ? 10.579  -0.318  -11.222 1.00 49.25 ? 37   VAL A CG1 1 
ATOM   309 C CG2 . VAL A 1 39 ? 8.644   -1.776  -11.628 1.00 44.66 ? 37   VAL A CG2 1 
ATOM   310 N N   . SER A 1 40 ? 10.552  -1.159  -7.605  1.00 40.33 ? 38   SER A N   1 
ATOM   311 C CA  . SER A 1 40 ? 11.375  -0.527  -6.637  1.00 38.74 ? 38   SER A CA  1 
ATOM   312 C C   . SER A 1 40 ? 12.314  -1.514  -5.957  1.00 38.57 ? 38   SER A C   1 
ATOM   313 O O   . SER A 1 40 ? 13.521  -1.279  -5.908  1.00 42.45 ? 38   SER A O   1 
ATOM   314 C CB  . SER A 1 40 ? 10.501  0.230   -5.641  1.00 44.12 ? 38   SER A CB  1 
ATOM   315 O OG  . SER A 1 40 ? 9.897   1.272   -6.376  1.00 46.54 ? 38   SER A OG  1 
ATOM   316 N N   . PHE A 1 41 ? 11.768  -2.642  -5.486  1.00 38.14 ? 39   PHE A N   1 
ATOM   317 C CA  . PHE A 1 41 ? 12.511  -3.634  -4.734  1.00 35.78 ? 39   PHE A CA  1 
ATOM   318 C C   . PHE A 1 41 ? 13.048  -4.843  -5.532  1.00 33.96 ? 39   PHE A C   1 
ATOM   319 O O   . PHE A 1 41 ? 13.658  -5.752  -4.960  1.00 36.53 ? 39   PHE A O   1 
ATOM   320 C CB  . PHE A 1 41 ? 11.658  -4.135  -3.566  1.00 36.99 ? 39   PHE A CB  1 
ATOM   321 C CG  . PHE A 1 41 ? 11.342  -3.075  -2.546  1.00 36.92 ? 39   PHE A CG  1 
ATOM   322 C CD1 . PHE A 1 41 ? 10.065  -2.650  -2.367  1.00 41.44 ? 39   PHE A CD1 1 
ATOM   323 C CD2 . PHE A 1 41 ? 12.339  -2.476  -1.808  1.00 38.18 ? 39   PHE A CD2 1 
ATOM   324 C CE1 . PHE A 1 41 ? 9.761   -1.668  -1.401  1.00 42.59 ? 39   PHE A CE1 1 
ATOM   325 C CE2 . PHE A 1 41 ? 12.023  -1.468  -0.883  1.00 38.89 ? 39   PHE A CE2 1 
ATOM   326 C CZ  . PHE A 1 41 ? 10.743  -1.120  -0.672  1.00 37.62 ? 39   PHE A CZ  1 
ATOM   327 N N   . ASP A 1 42 ? 12.853  -4.827  -6.835  1.00 34.42 ? 40   ASP A N   1 
ATOM   328 C CA  . ASP A 1 42 ? 13.247  -5.910  -7.723  1.00 33.27 ? 40   ASP A CA  1 
ATOM   329 C C   . ASP A 1 42 ? 12.620  -7.220  -7.312  1.00 35.83 ? 40   ASP A C   1 
ATOM   330 O O   . ASP A 1 42 ? 13.340  -8.213  -7.116  1.00 37.17 ? 40   ASP A O   1 
ATOM   331 C CB  . ASP A 1 42 ? 14.761  -6.061  -7.798  1.00 34.26 ? 40   ASP A CB  1 
ATOM   332 C CG  . ASP A 1 42 ? 15.198  -7.012  -8.895  1.00 35.03 ? 40   ASP A CG  1 
ATOM   333 O OD1 . ASP A 1 42 ? 14.490  -7.124  -9.907  1.00 35.83 ? 40   ASP A OD1 1 
ATOM   334 O OD2 . ASP A 1 42 ? 16.279  -7.613  -8.763  1.00 36.79 ? 40   ASP A OD2 1 
ATOM   335 N N   . LEU A 1 43 ? 11.296  -7.231  -7.215  1.00 34.90 ? 41   LEU A N   1 
ATOM   336 C CA  . LEU A 1 43 ? 10.572  -8.446  -6.819  1.00 37.84 ? 41   LEU A CA  1 
ATOM   337 C C   . LEU A 1 43 ? 9.659   -8.927  -7.923  1.00 38.46 ? 41   LEU A C   1 
ATOM   338 O O   . LEU A 1 43 ? 9.157   -8.141  -8.728  1.00 39.70 ? 41   LEU A O   1 
ATOM   339 C CB  . LEU A 1 43 ? 9.787   -8.196  -5.535  1.00 38.21 ? 41   LEU A CB  1 
ATOM   340 C CG  . LEU A 1 43 ? 10.696  -7.823  -4.348  1.00 40.92 ? 41   LEU A CG  1 
ATOM   341 C CD1 . LEU A 1 43 ? 9.872   -7.342  -3.149  1.00 43.33 ? 41   LEU A CD1 1 
ATOM   342 C CD2 . LEU A 1 43 ? 11.602  -8.984  -3.948  1.00 40.88 ? 41   LEU A CD2 1 
ATOM   343 N N   . ASN A 1 44 ? 9.449   -10.232 -7.987  1.00 41.86 ? 42   ASN A N   1 
ATOM   344 C CA  . ASN A 1 44 ? 8.516   -10.764 -8.969  1.00 45.03 ? 42   ASN A CA  1 
ATOM   345 C C   . ASN A 1 44 ? 7.206   -11.099 -8.276  1.00 46.93 ? 42   ASN A C   1 
ATOM   346 O O   . ASN A 1 44 ? 6.230   -10.387 -8.437  1.00 53.67 ? 42   ASN A O   1 
ATOM   347 C CB  A ASN A 1 44 ? 9.112   -11.967 -9.710  0.50 45.17 ? 42   ASN A CB  1 
ATOM   348 C CB  B ASN A 1 44 ? 9.090   -11.999 -9.665  0.50 45.91 ? 42   ASN A CB  1 
ATOM   349 C CG  A ASN A 1 44 ? 8.353   -12.318 -10.994 0.50 44.79 ? 42   ASN A CG  1 
ATOM   350 C CG  B ASN A 1 44 ? 10.161  -11.659 -10.686 0.50 46.75 ? 42   ASN A CG  1 
ATOM   351 O OD1 A ASN A 1 44 ? 7.504   -11.559 -11.474 0.50 45.71 ? 42   ASN A OD1 1 
ATOM   352 O OD1 B ASN A 1 44 ? 10.404  -10.490 -10.993 0.50 48.79 ? 42   ASN A OD1 1 
ATOM   353 N ND2 A ASN A 1 44 ? 8.670   -13.475 -11.554 0.50 47.01 ? 42   ASN A ND2 1 
ATOM   354 N ND2 B ASN A 1 44 ? 10.803  -12.688 -11.226 0.50 48.19 ? 42   ASN A ND2 1 
ATOM   355 N N   . THR A 1 45 ? 7.179   -12.154 -7.480  1.00 46.72 ? 43   THR A N   1 
ATOM   356 C CA  . THR A 1 45 ? 5.949   -12.556 -6.827  1.00 46.79 ? 43   THR A CA  1 
ATOM   357 C C   . THR A 1 45 ? 6.022   -12.014 -5.418  1.00 46.29 ? 43   THR A C   1 
ATOM   358 O O   . THR A 1 45 ? 6.991   -12.274 -4.710  1.00 48.58 ? 43   THR A O   1 
ATOM   359 C CB  A THR A 1 45 ? 5.807   -14.083 -6.796  0.50 47.41 ? 43   THR A CB  1 
ATOM   360 C CB  B THR A 1 45 ? 5.784   -14.088 -6.773  0.50 47.06 ? 43   THR A CB  1 
ATOM   361 O OG1 A THR A 1 45 ? 6.989   -14.667 -6.235  0.50 48.34 ? 43   THR A OG1 1 
ATOM   362 O OG1 B THR A 1 45 ? 6.101   -14.667 -8.050  0.50 47.34 ? 43   THR A OG1 1 
ATOM   363 C CG2 A THR A 1 45 ? 5.599   -14.628 -8.211  0.50 47.82 ? 43   THR A CG2 1 
ATOM   364 C CG2 B THR A 1 45 ? 4.350   -14.455 -6.382  0.50 47.08 ? 43   THR A CG2 1 
ATOM   365 N N   . ILE A 1 46 ? 5.011   -11.244 -5.030  1.00 45.42 ? 44   ILE A N   1 
ATOM   366 C CA  . ILE A 1 46 ? 4.994   -10.579 -3.734  1.00 45.61 ? 44   ILE A CA  1 
ATOM   367 C C   . ILE A 1 46 ? 3.662   -10.724 -3.020  1.00 43.75 ? 44   ILE A C   1 
ATOM   368 O O   . ILE A 1 46 ? 2.630   -10.998 -3.641  1.00 43.02 ? 44   ILE A O   1 
ATOM   369 C CB  . ILE A 1 46 ? 5.301   -9.079  -3.872  1.00 46.82 ? 44   ILE A CB  1 
ATOM   370 C CG1 . ILE A 1 46 ? 4.263   -8.365  -4.738  1.00 46.91 ? 44   ILE A CG1 1 
ATOM   371 C CG2 . ILE A 1 46 ? 6.704   -8.890  -4.430  1.00 49.21 ? 44   ILE A CG2 1 
ATOM   372 C CD1 . ILE A 1 46 ? 4.469   -6.867  -4.784  1.00 49.69 ? 44   ILE A CD1 1 
ATOM   373 N N   . GLN A 1 47 ? 3.707   -10.589 -1.703  1.00 42.30 ? 45   GLN A N   1 
ATOM   374 C CA  . GLN A 1 47 ? 2.519   -10.342 -0.909  1.00 41.69 ? 45   GLN A CA  1 
ATOM   375 C C   . GLN A 1 47 ? 2.775   -9.066  -0.142  1.00 40.77 ? 45   GLN A C   1 
ATOM   376 O O   . GLN A 1 47 ? 3.837   -8.892  0.460   1.00 39.01 ? 45   GLN A O   1 
ATOM   377 C CB  . GLN A 1 47 ? 2.249   -11.457 0.096   1.00 44.36 ? 45   GLN A CB  1 
ATOM   378 C CG  . GLN A 1 47 ? 0.857   -11.366 0.754   1.00 47.07 ? 45   GLN A CG  1 
ATOM   379 C CD  . GLN A 1 47 ? -0.215  -12.165 0.013   1.00 50.53 ? 45   GLN A CD  1 
ATOM   380 O OE1 . GLN A 1 47 ? -0.128  -12.382 -1.198  1.00 54.23 ? 45   GLN A OE1 1 
ATOM   381 N NE2 . GLN A 1 47 ? -1.235  -12.614 0.746   1.00 53.48 ? 45   GLN A NE2 1 
ATOM   382 N N   . ILE A 1 48 ? 1.807   -8.168  -0.192  1.00 39.06 ? 46   ILE A N   1 
ATOM   383 C CA  . ILE A 1 48 ? 1.902   -6.937  0.516   1.00 38.43 ? 46   ILE A CA  1 
ATOM   384 C C   . ILE A 1 48 ? 0.833   -6.959  1.593   1.00 38.85 ? 46   ILE A C   1 
ATOM   385 O O   . ILE A 1 48 ? -0.321  -7.290  1.328   1.00 40.02 ? 46   ILE A O   1 
ATOM   386 C CB  . ILE A 1 48 ? 1.768   -5.722  -0.408  1.00 40.74 ? 46   ILE A CB  1 
ATOM   387 C CG1 . ILE A 1 48 ? 2.851   -5.774  -1.499  1.00 40.42 ? 46   ILE A CG1 1 
ATOM   388 C CG2 . ILE A 1 48 ? 1.908   -4.468  0.419   1.00 41.23 ? 46   ILE A CG2 1 
ATOM   389 C CD1 . ILE A 1 48 ? 2.698   -4.711  -2.576  1.00 42.09 ? 46   ILE A CD1 1 
ATOM   390 N N   . LYS A 1 49 ? 1.241   -6.639  2.817   1.00 37.23 ? 47   LYS A N   1 
ATOM   391 C CA  . LYS A 1 49 ? 0.318   -6.472  3.945   1.00 37.90 ? 47   LYS A CA  1 
ATOM   392 C C   . LYS A 1 49 ? 0.346   -5.039  4.446   1.00 40.45 ? 47   LYS A C   1 
ATOM   393 O O   . LYS A 1 49 ? 1.325   -4.327  4.229   1.00 40.02 ? 47   LYS A O   1 
ATOM   394 C CB  . LYS A 1 49 ? 0.640   -7.442  5.094   1.00 38.66 ? 47   LYS A CB  1 
ATOM   395 C CG  . LYS A 1 49 ? 0.622   -8.905  4.693   1.00 41.23 ? 47   LYS A CG  1 
ATOM   396 C CD  . LYS A 1 49 ? 1.008   -9.819  5.840   1.00 42.10 ? 47   LYS A CD  1 
ATOM   397 C CE  . LYS A 1 49 ? 1.024   -11.265 5.363   1.00 41.88 ? 47   LYS A CE  1 
ATOM   398 N NZ  . LYS A 1 49 ? 1.251   -12.254 6.461   1.00 42.32 ? 47   LYS A NZ  1 
ATOM   399 N N   . TYR A 1 50 ? -0.739  -4.609  5.080   1.00 38.67 ? 48   TYR A N   1 
ATOM   400 C CA  . TYR A 1 50 ? -0.745  -3.330  5.770   1.00 39.16 ? 48   TYR A CA  1 
ATOM   401 C C   . TYR A 1 50 ? -1.253  -3.479  7.182   1.00 41.35 ? 48   TYR A C   1 
ATOM   402 O O   . TYR A 1 50 ? -1.965  -4.426  7.525   1.00 37.60 ? 48   TYR A O   1 
ATOM   403 C CB  . TYR A 1 50 ? -1.564  -2.283  5.044   1.00 39.23 ? 48   TYR A CB  1 
ATOM   404 C CG  . TYR A 1 50 ? -3.055  -2.455  5.124   1.00 39.38 ? 48   TYR A CG  1 
ATOM   405 C CD1 . TYR A 1 50 ? -3.848  -1.582  5.862   1.00 38.02 ? 48   TYR A CD1 1 
ATOM   406 C CD2 . TYR A 1 50 ? -3.682  -3.475  4.416   1.00 39.93 ? 48   TYR A CD2 1 
ATOM   407 C CE1 . TYR A 1 50 ? -5.230  -1.732  5.911   1.00 39.52 ? 48   TYR A CE1 1 
ATOM   408 C CE2 . TYR A 1 50 ? -5.052  -3.639  4.451   1.00 40.09 ? 48   TYR A CE2 1 
ATOM   409 C CZ  . TYR A 1 50 ? -5.825  -2.766  5.193   1.00 38.52 ? 48   TYR A CZ  1 
ATOM   410 O OH  . TYR A 1 50 ? -7.186  -2.942  5.186   1.00 38.11 ? 48   TYR A OH  1 
ATOM   411 N N   . LEU A 1 51 ? -0.899  -2.490  7.989   1.00 42.25 ? 49   LEU A N   1 
ATOM   412 C CA  . LEU A 1 51 ? -1.346  -2.407  9.354   1.00 42.06 ? 49   LEU A CA  1 
ATOM   413 C C   . LEU A 1 51 ? -2.731  -1.765  9.426   1.00 40.64 ? 49   LEU A C   1 
ATOM   414 O O   . LEU A 1 51 ? -2.888  -0.583  9.096   1.00 41.04 ? 49   LEU A O   1 
ATOM   415 C CB  . LEU A 1 51 ? -0.340  -1.582  10.147  1.00 43.81 ? 49   LEU A CB  1 
ATOM   416 C CG  . LEU A 1 51 ? -0.452  -1.562  11.654  1.00 44.39 ? 49   LEU A CG  1 
ATOM   417 C CD1 . LEU A 1 51 ? -0.312  -2.957  12.268  1.00 44.98 ? 49   LEU A CD1 1 
ATOM   418 C CD2 . LEU A 1 51 ? 0.629   -0.617  12.196  1.00 46.45 ? 49   LEU A CD2 1 
ATOM   419 N N   . ASP A 1 52 ? -3.725  -2.548  9.833   1.00 41.18 ? 50   ASP A N   1 
ATOM   420 C CA  . ASP A 1 52 ? -5.113  -2.066  9.877   1.00 44.02 ? 50   ASP A CA  1 
ATOM   421 C C   . ASP A 1 52 ? -5.470  -1.413  11.226  1.00 45.97 ? 50   ASP A C   1 
ATOM   422 O O   . ASP A 1 52 ? -4.592  -1.230  12.072  1.00 45.07 ? 50   ASP A O   1 
ATOM   423 C CB  . ASP A 1 52 ? -6.101  -3.179  9.474   1.00 44.04 ? 50   ASP A CB  1 
ATOM   424 C CG  . ASP A 1 52 ? -6.230  -4.273  10.506  1.00 45.33 ? 50   ASP A CG  1 
ATOM   425 O OD1 . ASP A 1 52 ? -5.667  -4.140  11.609  1.00 42.25 ? 50   ASP A OD1 1 
ATOM   426 O OD2 . ASP A 1 52 ? -6.926  -5.276  10.216  1.00 45.82 ? 50   ASP A OD2 1 
ATOM   427 N N   . GLU A 1 53 ? -6.741  -1.052  11.416  1.00 48.26 ? 51   GLU A N   1 
ATOM   428 C CA  . GLU A 1 53 ? -7.193  -0.372  12.642  1.00 50.24 ? 51   GLU A CA  1 
ATOM   429 C C   . GLU A 1 53 ? -7.036  -1.246  13.878  1.00 51.07 ? 51   GLU A C   1 
ATOM   430 O O   . GLU A 1 53 ? -6.832  -0.738  14.982  1.00 53.02 ? 51   GLU A O   1 
ATOM   431 C CB  . GLU A 1 53 ? -8.667  0.047   12.538  1.00 51.55 ? 51   GLU A CB  1 
ATOM   432 C CG  . GLU A 1 53 ? -8.936  1.144   11.529  1.00 52.94 ? 51   GLU A CG  1 
ATOM   433 C CD  . GLU A 1 53 ? -10.411 1.297   11.208  1.00 53.14 ? 51   GLU A CD  1 
ATOM   434 O OE1 . GLU A 1 53 ? -11.253 1.095   12.113  1.00 56.25 ? 51   GLU A OE1 1 
ATOM   435 O OE2 . GLU A 1 53 ? -10.730 1.623   10.045  1.00 56.08 ? 51   GLU A OE2 1 
ATOM   436 N N   . GLU A 1 54 ? -7.143  -2.559  13.692  1.00 51.61 ? 52   GLU A N   1 
ATOM   437 C CA  . GLU A 1 54 ? -6.915  -3.519  14.771  1.00 51.55 ? 52   GLU A CA  1 
ATOM   438 C C   . GLU A 1 54 ? -5.418  -3.790  14.959  1.00 51.39 ? 52   GLU A C   1 
ATOM   439 O O   . GLU A 1 54 ? -5.042  -4.712  15.676  1.00 51.30 ? 52   GLU A O   1 
ATOM   440 C CB  . GLU A 1 54 ? -7.655  -4.831  14.487  1.00 53.01 ? 52   GLU A CB  1 
ATOM   441 C CG  . GLU A 1 54 ? -9.171  -4.754  14.672  1.00 55.42 ? 52   GLU A CG  1 
ATOM   442 C CD  . GLU A 1 54 ? -9.883  -3.880  13.642  1.00 57.29 ? 52   GLU A CD  1 
ATOM   443 O OE1 . GLU A 1 54 ? -9.317  -3.623  12.553  1.00 59.62 ? 52   GLU A OE1 1 
ATOM   444 O OE2 . GLU A 1 54 ? -11.025 -3.455  13.929  1.00 59.05 ? 52   GLU A OE2 1 
ATOM   445 N N   . ASN A 1 55 ? -4.573  -2.987  14.307  1.00 50.33 ? 53   ASN A N   1 
ATOM   446 C CA  . ASN A 1 55 ? -3.120  -3.083  14.431  1.00 50.67 ? 53   ASN A CA  1 
ATOM   447 C C   . ASN A 1 55 ? -2.582  -4.467  14.076  1.00 50.57 ? 53   ASN A C   1 
ATOM   448 O O   . ASN A 1 55 ? -1.603  -4.940  14.653  1.00 51.01 ? 53   ASN A O   1 
ATOM   449 C CB  . ASN A 1 55 ? -2.692  -2.648  15.834  1.00 50.97 ? 53   ASN A CB  1 
ATOM   450 C CG  . ASN A 1 55 ? -3.128  -1.237  16.146  1.00 50.55 ? 53   ASN A CG  1 
ATOM   451 O OD1 . ASN A 1 55 ? -2.640  -0.279  15.537  1.00 51.66 ? 53   ASN A OD1 1 
ATOM   452 N ND2 . ASN A 1 55 ? -4.060  -1.096  17.076  1.00 51.87 ? 53   ASN A ND2 1 
ATOM   453 N N   . GLU A 1 56 ? -3.229  -5.092  13.097  1.00 50.05 ? 54   GLU A N   1 
ATOM   454 C CA  . GLU A 1 56 ? -2.823  -6.391  12.585  1.00 49.05 ? 54   GLU A CA  1 
ATOM   455 C C   . GLU A 1 56 ? -2.397  -6.240  11.137  1.00 47.68 ? 54   GLU A C   1 
ATOM   456 O O   . GLU A 1 56 ? -2.951  -5.406  10.426  1.00 45.56 ? 54   GLU A O   1 
ATOM   457 C CB  . GLU A 1 56 ? -3.992  -7.372  12.654  1.00 50.49 ? 54   GLU A CB  1 
ATOM   458 C CG  . GLU A 1 56 ? -3.665  -8.761  12.107  1.00 52.76 ? 54   GLU A CG  1 
ATOM   459 C CD  . GLU A 1 56 ? -2.489  -9.413  12.838  1.00 55.41 ? 54   GLU A CD  1 
ATOM   460 O OE1 . GLU A 1 56 ? -2.751  -10.207 13.762  1.00 55.64 ? 54   GLU A OE1 1 
ATOM   461 O OE2 . GLU A 1 56 ? -1.313  -9.115  12.507  1.00 55.64 ? 54   GLU A OE2 1 
ATOM   462 N N   . GLU A 1 57 ? -1.422  -7.047  10.714  1.00 46.44 ? 55   GLU A N   1 
ATOM   463 C CA  . GLU A 1 57 ? -1.012  -7.083  9.312   1.00 46.15 ? 55   GLU A CA  1 
ATOM   464 C C   . GLU A 1 57 ? -2.009  -7.896  8.513   1.00 46.38 ? 55   GLU A C   1 
ATOM   465 O O   . GLU A 1 57 ? -2.262  -9.059  8.816   1.00 48.80 ? 55   GLU A O   1 
ATOM   466 C CB  . GLU A 1 57 ? 0.378   -7.689  9.140   1.00 47.49 ? 55   GLU A CB  1 
ATOM   467 C CG  . GLU A 1 57 ? 1.481   -6.916  9.839   1.00 48.53 ? 55   GLU A CG  1 
ATOM   468 C CD  . GLU A 1 57 ? 1.721   -5.535  9.260   1.00 50.34 ? 55   GLU A CD  1 
ATOM   469 O OE1 . GLU A 1 57 ? 1.614   -5.363  8.025   1.00 50.38 ? 55   GLU A OE1 1 
ATOM   470 O OE2 . GLU A 1 57 ? 2.041   -4.623  10.056  1.00 54.19 ? 55   GLU A OE2 1 
ATOM   471 N N   . VAL A 1 58 ? -2.568  -7.277  7.488   1.00 44.24 ? 56   VAL A N   1 
ATOM   472 C CA  . VAL A 1 58 ? -3.522  -7.966  6.637   1.00 44.12 ? 56   VAL A CA  1 
ATOM   473 C C   . VAL A 1 58 ? -3.092  -7.804  5.184   1.00 41.95 ? 56   VAL A C   1 
ATOM   474 O O   . VAL A 1 58 ? -2.679  -6.719  4.752   1.00 40.43 ? 56   VAL A O   1 
ATOM   475 C CB  . VAL A 1 58 ? -4.966  -7.466  6.867   1.00 45.50 ? 56   VAL A CB  1 
ATOM   476 C CG1 . VAL A 1 58 ? -5.472  -7.901  8.241   1.00 46.73 ? 56   VAL A CG1 1 
ATOM   477 C CG2 . VAL A 1 58 ? -5.068  -5.972  6.735   1.00 46.57 ? 56   VAL A CG2 1 
ATOM   478 N N   . SER A 1 59 ? -3.172  -8.895  4.429   1.00 40.31 ? 57   SER A N   1 
ATOM   479 C CA  . SER A 1 59 ? -2.702  -8.888  3.055   1.00 40.84 ? 57   SER A CA  1 
ATOM   480 C C   . SER A 1 59 ? -3.696  -8.125  2.202   1.00 39.78 ? 57   SER A C   1 
ATOM   481 O O   . SER A 1 59 ? -4.894  -8.141  2.458   1.00 42.34 ? 57   SER A O   1 
ATOM   482 C CB  A SER A 1 59 ? -2.467  -10.299 2.529   0.50 40.87 ? 57   SER A CB  1 
ATOM   483 C CB  B SER A 1 59 ? -2.612  -10.324 2.509   0.50 41.82 ? 57   SER A CB  1 
ATOM   484 O OG  A SER A 1 59 ? -3.661  -11.023 2.523   0.50 39.48 ? 57   SER A OG  1 
ATOM   485 O OG  B SER A 1 59 ? -1.840  -11.173 3.338   0.50 45.35 ? 57   SER A OG  1 
ATOM   486 N N   . ILE A 1 60 ? -3.166  -7.418  1.212   1.00 38.15 ? 58   ILE A N   1 
ATOM   487 C CA  . ILE A 1 60 ? -3.952  -6.808  0.149   1.00 37.60 ? 58   ILE A CA  1 
ATOM   488 C C   . ILE A 1 60 ? -3.693  -7.646  -1.081  1.00 37.76 ? 58   ILE A C   1 
ATOM   489 O O   . ILE A 1 60 ? -2.571  -7.702  -1.578  1.00 36.96 ? 58   ILE A O   1 
ATOM   490 C CB  . ILE A 1 60 ? -3.511  -5.381  -0.099  1.00 39.34 ? 58   ILE A CB  1 
ATOM   491 C CG1 . ILE A 1 60 ? -3.681  -4.554  1.170   1.00 40.06 ? 58   ILE A CG1 1 
ATOM   492 C CG2 . ILE A 1 60 ? -4.286  -4.781  -1.284  1.00 40.34 ? 58   ILE A CG2 1 
ATOM   493 C CD1 . ILE A 1 60 ? -3.127  -3.151  1.018   1.00 41.72 ? 58   ILE A CD1 1 
ATOM   494 N N   . ASN A 1 61 ? -4.752  -8.239  -1.606  1.00 38.94 ? 59   ASN A N   1 
ATOM   495 C CA  . ASN A 1 61 ? -4.657  -9.188  -2.701  1.00 38.93 ? 59   ASN A CA  1 
ATOM   496 C C   . ASN A 1 61 ? -5.511  -8.814  -3.893  1.00 39.03 ? 59   ASN A C   1 
ATOM   497 O O   . ASN A 1 61 ? -5.608  -9.592  -4.831  1.00 40.40 ? 59   ASN A O   1 
ATOM   498 C CB  . ASN A 1 61 ? -5.117  -10.555 -2.228  1.00 40.11 ? 59   ASN A CB  1 
ATOM   499 C CG  . ASN A 1 61 ? -4.292  -11.082 -1.070  1.00 43.84 ? 59   ASN A CG  1 
ATOM   500 O OD1 . ASN A 1 61 ? -3.078  -11.213 -1.181  1.00 47.61 ? 59   ASN A OD1 1 
ATOM   501 N ND2 . ASN A 1 61 ? -4.955  -11.392 0.045   1.00 44.54 ? 59   ASN A ND2 1 
ATOM   502 N N   . SER A 1 62 ? -6.067  -7.601  -3.878  1.00 38.83 ? 60   SER A N   1 
ATOM   503 C CA  . SER A 1 62 ? -7.074  -7.241  -4.870  1.00 37.77 ? 60   SER A CA  1 
ATOM   504 C C   . SER A 1 62 ? -7.344  -5.750  -4.861  1.00 36.07 ? 60   SER A C   1 
ATOM   505 O O   . SER A 1 62 ? -7.069  -5.048  -3.894  1.00 36.81 ? 60   SER A O   1 
ATOM   506 C CB  . SER A 1 62 ? -8.380  -7.969  -4.591  1.00 35.83 ? 60   SER A CB  1 
ATOM   507 O OG  . SER A 1 62 ? -9.050  -7.452  -3.449  1.00 35.57 ? 60   SER A OG  1 
ATOM   508 N N   . GLN A 1 63 ? -7.929  -5.273  -5.961  1.00 35.73 ? 61   GLN A N   1 
ATOM   509 C CA  . GLN A 1 63 ? -8.387  -3.894  -6.055  1.00 36.03 ? 61   GLN A CA  1 
ATOM   510 C C   . GLN A 1 63 ? -9.306  -3.527  -4.895  1.00 35.22 ? 61   GLN A C   1 
ATOM   511 O O   . GLN A 1 63 ? -9.173  -2.462  -4.325  1.00 36.94 ? 61   GLN A O   1 
ATOM   512 C CB  . GLN A 1 63 ? -9.107  -3.706  -7.376  1.00 36.27 ? 61   GLN A CB  1 
ATOM   513 C CG  . GLN A 1 63 ? -9.606  -2.303  -7.619  1.00 35.09 ? 61   GLN A CG  1 
ATOM   514 C CD  . GLN A 1 63 ? -8.514  -1.298  -7.829  1.00 38.06 ? 61   GLN A CD  1 
ATOM   515 O OE1 . GLN A 1 63 ? -7.410  -1.629  -8.295  1.00 39.20 ? 61   GLN A OE1 1 
ATOM   516 N NE2 . GLN A 1 63 ? -8.785  -0.046  -7.449  1.00 38.71 ? 61   GLN A NE2 1 
ATOM   517 N N   . GLY A 1 64 ? -10.224 -4.419  -4.528  1.00 32.83 ? 62   GLY A N   1 
ATOM   518 C CA  . GLY A 1 64 ? -11.170 -4.107  -3.465  1.00 35.40 ? 62   GLY A CA  1 
ATOM   519 C C   . GLY A 1 64 ? -10.527 -3.982  -2.103  1.00 35.29 ? 62   GLY A C   1 
ATOM   520 O O   . GLY A 1 64 ? -10.872 -3.096  -1.317  1.00 36.64 ? 62   GLY A O   1 
ATOM   521 N N   . GLU A 1 65 ? -9.586  -4.872  -1.820  1.00 36.67 ? 63   GLU A N   1 
ATOM   522 C CA  . GLU A 1 65 ? -8.844  -4.826  -0.566  1.00 36.25 ? 63   GLU A CA  1 
ATOM   523 C C   . GLU A 1 65 ? -7.987  -3.586  -0.497  1.00 36.39 ? 63   GLU A C   1 
ATOM   524 O O   . GLU A 1 65 ? -7.813  -3.021  0.578   1.00 37.34 ? 63   GLU A O   1 
ATOM   525 C CB  . GLU A 1 65 ? -7.998  -6.091  -0.388  1.00 36.42 ? 63   GLU A CB  1 
ATOM   526 C CG  . GLU A 1 65 ? -8.882  -7.278  -0.124  1.00 36.63 ? 63   GLU A CG  1 
ATOM   527 C CD  . GLU A 1 65 ? -8.140  -8.550  0.162   1.00 39.69 ? 63   GLU A CD  1 
ATOM   528 O OE1 . GLU A 1 65 ? -6.945  -8.663  -0.159  1.00 41.65 ? 63   GLU A OE1 1 
ATOM   529 O OE2 . GLU A 1 65 ? -8.797  -9.466  0.704   1.00 42.58 ? 63   GLU A OE2 1 
ATOM   530 N N   . TYR A 1 66 ? -7.475  -3.155  -1.653  1.00 36.47 ? 64   TYR A N   1 
ATOM   531 C CA  . TYR A 1 66 ? -6.725  -1.912  -1.761  1.00 36.35 ? 64   TYR A CA  1 
ATOM   532 C C   . TYR A 1 66 ? -7.614  -0.712  -1.472  1.00 36.08 ? 64   TYR A C   1 
ATOM   533 O O   . TYR A 1 66 ? -7.257  0.156   -0.664  1.00 37.09 ? 64   TYR A O   1 
ATOM   534 C CB  . TYR A 1 66 ? -6.103  -1.810  -3.146  1.00 37.09 ? 64   TYR A CB  1 
ATOM   535 C CG  . TYR A 1 66 ? -5.442  -0.491  -3.454  1.00 36.48 ? 64   TYR A CG  1 
ATOM   536 C CD1 . TYR A 1 66 ? -4.469  0.017   -2.631  1.00 36.78 ? 64   TYR A CD1 1 
ATOM   537 C CD2 . TYR A 1 66 ? -5.743  0.214   -4.595  1.00 38.26 ? 64   TYR A CD2 1 
ATOM   538 C CE1 . TYR A 1 66 ? -3.825  1.239   -2.915  1.00 36.19 ? 64   TYR A CE1 1 
ATOM   539 C CE2 . TYR A 1 66 ? -5.115  1.412   -4.880  1.00 38.24 ? 64   TYR A CE2 1 
ATOM   540 C CZ  . TYR A 1 66 ? -4.156  1.911   -4.055  1.00 37.55 ? 64   TYR A CZ  1 
ATOM   541 O OH  . TYR A 1 66 ? -3.519  3.110   -4.320  1.00 38.88 ? 64   TYR A OH  1 
ATOM   542 N N   . GLU A 1 67 ? -8.785  -0.674  -2.096  1.00 37.07 ? 65   GLU A N   1 
ATOM   543 C CA  . GLU A 1 67 ? -9.722  0.418   -1.863  1.00 35.92 ? 65   GLU A CA  1 
ATOM   544 C C   . GLU A 1 67 ? -10.147 0.505   -0.404  1.00 37.46 ? 65   GLU A C   1 
ATOM   545 O O   . GLU A 1 67 ? -10.306 1.592   0.142   1.00 39.85 ? 65   GLU A O   1 
ATOM   546 C CB  . GLU A 1 67 ? -10.927 0.285   -2.783  1.00 36.57 ? 65   GLU A CB  1 
ATOM   547 C CG  . GLU A 1 67 ? -10.509 0.525   -4.240  1.00 37.72 ? 65   GLU A CG  1 
ATOM   548 C CD  . GLU A 1 67 ? -11.647 0.670   -5.204  1.00 35.19 ? 65   GLU A CD  1 
ATOM   549 O OE1 . GLU A 1 67 ? -12.775 0.974   -4.791  1.00 36.99 ? 65   GLU A OE1 1 
ATOM   550 O OE2 . GLU A 1 67 ? -11.401 0.487   -6.422  1.00 40.08 ? 65   GLU A OE2 1 
ATOM   551 N N   . GLU A 1 68 ? -10.281 -0.637  0.251   1.00 37.98 ? 66   GLU A N   1 
ATOM   552 C CA  . GLU A 1 68 ? -10.653 -0.626  1.661   1.00 37.20 ? 66   GLU A CA  1 
ATOM   553 C C   . GLU A 1 68 ? -9.508  -0.117  2.536   1.00 37.21 ? 66   GLU A C   1 
ATOM   554 O O   . GLU A 1 68 ? -9.739  0.603   3.507   1.00 38.16 ? 66   GLU A O   1 
ATOM   555 C CB  . GLU A 1 68 ? -11.128 -2.009  2.111   1.00 37.77 ? 66   GLU A CB  1 
ATOM   556 C CG  . GLU A 1 68 ? -12.520 -2.355  1.563   1.00 38.78 ? 66   GLU A CG  1 
ATOM   557 C CD  . GLU A 1 68 ? -13.621 -1.449  2.114   1.00 41.24 ? 66   GLU A CD  1 
ATOM   558 O OE1 . GLU A 1 68 ? -13.707 -1.323  3.354   1.00 44.28 ? 66   GLU A OE1 1 
ATOM   559 O OE2 . GLU A 1 68 ? -14.390 -0.855  1.315   1.00 43.16 ? 66   GLU A OE2 1 
ATOM   560 N N   . ALA A 1 69 ? -8.289  -0.496  2.181   1.00 37.80 ? 67   ALA A N   1 
ATOM   561 C CA  . ALA A 1 69 ? -7.097  0.001   2.856   1.00 37.18 ? 67   ALA A CA  1 
ATOM   562 C C   . ALA A 1 69 ? -7.003  1.530   2.735   1.00 38.89 ? 67   ALA A C   1 
ATOM   563 O O   . ALA A 1 69 ? -6.681  2.220   3.705   1.00 39.45 ? 67   ALA A O   1 
ATOM   564 C CB  . ALA A 1 69 ? -5.860  -0.657  2.286   1.00 38.65 ? 67   ALA A CB  1 
ATOM   565 N N   . LEU A 1 70 ? -7.303  2.048   1.552   1.00 38.27 ? 68   LEU A N   1 
ATOM   566 C CA  . LEU A 1 70 ? -7.347  3.508   1.343   1.00 39.77 ? 68   LEU A CA  1 
ATOM   567 C C   . LEU A 1 70 ? -8.402  4.245   2.159   1.00 40.30 ? 68   LEU A C   1 
ATOM   568 O O   . LEU A 1 70 ? -8.161  5.357   2.614   1.00 41.07 ? 68   LEU A O   1 
ATOM   569 C CB  . LEU A 1 70 ? -7.522  3.836   -0.126  1.00 39.00 ? 68   LEU A CB  1 
ATOM   570 C CG  . LEU A 1 70 ? -6.354  3.468   -1.027  1.00 38.20 ? 68   LEU A CG  1 
ATOM   571 C CD1 . LEU A 1 70 ? -6.757  3.679   -2.464  1.00 40.42 ? 68   LEU A CD1 1 
ATOM   572 C CD2 . LEU A 1 70 ? -5.127  4.297   -0.668  1.00 38.28 ? 68   LEU A CD2 1 
ATOM   573 N N   . LYS A 1 71 ? -9.567  3.638   2.352   1.00 40.45 ? 69   LYS A N   1 
ATOM   574 C CA  . LYS A 1 71 ? -10.600 4.245   3.198   1.00 41.47 ? 69   LYS A CA  1 
ATOM   575 C C   . LYS A 1 71 ? -10.070 4.440   4.609   1.00 40.89 ? 69   LYS A C   1 
ATOM   576 O O   . LYS A 1 71 ? -10.377 5.434   5.271   1.00 42.33 ? 69   LYS A O   1 
ATOM   577 C CB  . LYS A 1 71 ? -11.848 3.373   3.254   1.00 42.33 ? 69   LYS A CB  1 
ATOM   578 C CG  . LYS A 1 71 ? -12.703 3.447   2.021   1.00 42.82 ? 69   LYS A CG  1 
ATOM   579 C CD  . LYS A 1 71 ? -13.914 2.548   2.143   1.00 42.90 ? 69   LYS A CD  1 
ATOM   580 C CE  . LYS A 1 71 ? -14.779 2.675   0.920   1.00 44.84 ? 69   LYS A CE  1 
ATOM   581 N NZ  . LYS A 1 71 ? -15.985 1.825   1.033   1.00 44.89 ? 69   LYS A NZ  1 
ATOM   582 N N   . MET A 1 72 ? -9.293  3.468   5.069   1.00 40.82 ? 70   MET A N   1 
ATOM   583 C CA  . MET A 1 72 ? -8.682  3.536   6.382   1.00 40.90 ? 70   MET A CA  1 
ATOM   584 C C   . MET A 1 72 ? -7.616  4.621   6.440   1.00 41.28 ? 70   MET A C   1 
ATOM   585 O O   . MET A 1 72 ? -7.547  5.385   7.399   1.00 39.90 ? 70   MET A O   1 
ATOM   586 C CB  . MET A 1 72 ? -8.052  2.199   6.748   1.00 40.96 ? 70   MET A CB  1 
ATOM   587 C CG  . MET A 1 72 ? -7.677  2.125   8.211   1.00 42.61 ? 70   MET A CG  1 
ATOM   588 S SD  . MET A 1 72 ? -6.424  0.899   8.594   1.00 44.16 ? 70   MET A SD  1 
ATOM   589 C CE  . MET A 1 72 ? -5.048  1.572   7.681   1.00 44.21 ? 70   MET A CE  1 
ATOM   590 N N   . ALA A 1 73 ? -6.794  4.684   5.399   1.00 40.37 ? 71   ALA A N   1 
ATOM   591 C CA  . ALA A 1 73 ? -5.723  5.674   5.323   1.00 41.23 ? 71   ALA A CA  1 
ATOM   592 C C   . ALA A 1 73 ? -6.271  7.085   5.483   1.00 41.08 ? 71   ALA A C   1 
ATOM   593 O O   . ALA A 1 73 ? -5.650  7.907   6.144   1.00 42.95 ? 71   ALA A O   1 
ATOM   594 C CB  . ALA A 1 73 ? -4.967  5.548   3.998   1.00 40.78 ? 71   ALA A CB  1 
ATOM   595 N N   . VAL A 1 74 ? -7.438  7.346   4.895   1.00 42.52 ? 72   VAL A N   1 
ATOM   596 C CA  . VAL A 1 74 ? -8.133  8.638   5.011   1.00 43.69 ? 72   VAL A CA  1 
ATOM   597 C C   . VAL A 1 74 ? -8.363  9.023   6.468   1.00 44.03 ? 72   VAL A C   1 
ATOM   598 O O   . VAL A 1 74 ? -8.243  10.191  6.841   1.00 44.88 ? 72   VAL A O   1 
ATOM   599 C CB  . VAL A 1 74 ? -9.520  8.601   4.307   1.00 44.89 ? 72   VAL A CB  1 
ATOM   600 C CG1 . VAL A 1 74 ? -10.397 9.794   4.696   1.00 46.72 ? 72   VAL A CG1 1 
ATOM   601 C CG2 . VAL A 1 74 ? -9.352  8.567   2.816   1.00 46.15 ? 72   VAL A CG2 1 
ATOM   602 N N   . LYS A 1 75 ? -8.722  8.028   7.271   1.00 44.10 ? 73   LYS A N   1 
ATOM   603 C CA  . LYS A 1 75 ? -9.055  8.233   8.672   1.00 44.54 ? 73   LYS A CA  1 
ATOM   604 C C   . LYS A 1 75 ? -7.796  8.293   9.534   1.00 43.64 ? 73   LYS A C   1 
ATOM   605 O O   . LYS A 1 75 ? -7.847  8.737   10.677  1.00 44.17 ? 73   LYS A O   1 
ATOM   606 C CB  . LYS A 1 75 ? -9.963  7.101   9.161   1.00 45.30 ? 73   LYS A CB  1 
ATOM   607 C CG  . LYS A 1 75 ? -11.275 6.997   8.395   1.00 46.80 ? 73   LYS A CG  1 
ATOM   608 C CD  . LYS A 1 75 ? -12.178 5.903   8.959   1.00 48.06 ? 73   LYS A CD  1 
ATOM   609 C CE  . LYS A 1 75 ? -11.693 4.505   8.581   1.00 49.22 ? 73   LYS A CE  1 
ATOM   610 N NZ  . LYS A 1 75 ? -12.779 3.490   8.736   1.00 50.35 ? 73   LYS A NZ  1 
ATOM   611 N N   . GLN A 1 76 ? -6.672  7.847   8.975   1.00 43.83 ? 74   GLN A N   1 
ATOM   612 C CA  . GLN A 1 76 ? -5.429  7.718   9.718   1.00 42.25 ? 74   GLN A CA  1 
ATOM   613 C C   . GLN A 1 76 ? -4.304  8.569   9.146   1.00 40.64 ? 74   GLN A C   1 
ATOM   614 O O   . GLN A 1 76 ? -3.199  8.093   8.953   1.00 42.31 ? 74   GLN A O   1 
ATOM   615 C CB  . GLN A 1 76 ? -5.005  6.255   9.763   1.00 42.85 ? 74   GLN A CB  1 
ATOM   616 C CG  . GLN A 1 76 ? -5.997  5.377   10.493  1.00 43.77 ? 74   GLN A CG  1 
ATOM   617 C CD  . GLN A 1 76 ? -5.472  3.975   10.730  1.00 45.29 ? 74   GLN A CD  1 
ATOM   618 O OE1 . GLN A 1 76 ? -4.494  3.542   10.101  1.00 48.40 ? 74   GLN A OE1 1 
ATOM   619 N NE2 . GLN A 1 76 ? -6.120  3.251   11.649  1.00 48.55 ? 74   GLN A NE2 1 
ATOM   620 N N   . GLY A 1 77 ? -4.587  9.840   8.895   1.00 39.75 ? 75   GLY A N   1 
ATOM   621 C CA  . GLY A 1 77 ? -3.541  10.780  8.508   1.00 40.66 ? 75   GLY A CA  1 
ATOM   622 C C   . GLY A 1 77 ? -2.995  10.567  7.111   1.00 39.65 ? 75   GLY A C   1 
ATOM   623 O O   . GLY A 1 77 ? -1.871  10.967  6.812   1.00 40.20 ? 75   GLY A O   1 
ATOM   624 N N   . ASN A 1 78 ? -3.801  9.943   6.256   1.00 38.51 ? 76   ASN A N   1 
ATOM   625 C CA  . ASN A 1 78 ? -3.478  9.786   4.848   1.00 38.44 ? 76   ASN A CA  1 
ATOM   626 C C   . ASN A 1 78 ? -2.187  9.038   4.607   1.00 40.20 ? 76   ASN A C   1 
ATOM   627 O O   . ASN A 1 78 ? -1.364  9.424   3.774   1.00 38.82 ? 76   ASN A O   1 
ATOM   628 C CB  . ASN A 1 78 ? -3.490  11.142  4.149   1.00 39.55 ? 76   ASN A CB  1 
ATOM   629 C CG  . ASN A 1 78 ? -4.838  11.811  4.246   1.00 38.59 ? 76   ASN A CG  1 
ATOM   630 O OD1 . ASN A 1 78 ? -5.857  11.221  3.894   1.00 42.74 ? 76   ASN A OD1 1 
ATOM   631 N ND2 . ASN A 1 78 ? -4.853  13.051  4.703   1.00 41.38 ? 76   ASN A ND2 1 
ATOM   632 N N   . GLN A 1 79 ? -2.003  7.965   5.362   1.00 39.25 ? 77   GLN A N   1 
ATOM   633 C CA  . GLN A 1 79 ? -0.851  7.113   5.155   1.00 40.48 ? 77   GLN A CA  1 
ATOM   634 C C   . GLN A 1 79 ? -1.179  5.676   5.474   1.00 39.13 ? 77   GLN A C   1 
ATOM   635 O O   . GLN A 1 79 ? -2.107  5.391   6.236   1.00 39.26 ? 77   GLN A O   1 
ATOM   636 C CB  . GLN A 1 79 ? 0.336   7.567   5.985   1.00 41.31 ? 77   GLN A CB  1 
ATOM   637 C CG  . GLN A 1 79 ? 0.081   7.598   7.454   1.00 42.38 ? 77   GLN A CG  1 
ATOM   638 C CD  . GLN A 1 79 ? 1.289   8.088   8.207   1.00 44.39 ? 77   GLN A CD  1 
ATOM   639 O OE1 . GLN A 1 79 ? 2.353   7.473   8.155   1.00 50.30 ? 77   GLN A OE1 1 
ATOM   640 N NE2 . GLN A 1 79 ? 1.138   9.201   8.906   1.00 49.71 ? 77   GLN A NE2 1 
ATOM   641 N N   . LEU A 1 80 ? -0.405  4.786   4.868   1.00 40.16 ? 78   LEU A N   1 
ATOM   642 C CA  . LEU A 1 80 ? -0.487  3.354   5.121   1.00 39.67 ? 78   LEU A CA  1 
ATOM   643 C C   . LEU A 1 80 ? 0.919   2.843   5.400   1.00 39.93 ? 78   LEU A C   1 
ATOM   644 O O   . LEU A 1 80 ? 1.877   3.226   4.716   1.00 38.97 ? 78   LEU A O   1 
ATOM   645 C CB  . LEU A 1 80 ? -1.072  2.588   3.934   1.00 40.57 ? 78   LEU A CB  1 
ATOM   646 C CG  . LEU A 1 80 ? -2.571  2.742   3.618   1.00 40.07 ? 78   LEU A CG  1 
ATOM   647 C CD1 . LEU A 1 80 ? -2.929  2.011   2.334   1.00 43.76 ? 78   LEU A CD1 1 
ATOM   648 C CD2 . LEU A 1 80 ? -3.433  2.264   4.777   1.00 42.17 ? 78   LEU A CD2 1 
ATOM   649 N N   . GLN A 1 81 ? 1.028   1.976   6.400   1.00 39.18 ? 79   GLN A N   1 
ATOM   650 C CA  . GLN A 1 81 ? 2.265   1.290   6.699   1.00 39.60 ? 79   GLN A CA  1 
ATOM   651 C C   . GLN A 1 81 ? 2.150   -0.100  6.097   1.00 37.87 ? 79   GLN A C   1 
ATOM   652 O O   . GLN A 1 81 ? 1.292   -0.888  6.528   1.00 39.90 ? 79   GLN A O   1 
ATOM   653 C CB  . GLN A 1 81 ? 2.515   1.190   8.221   1.00 40.84 ? 79   GLN A CB  1 
ATOM   654 C CG  . GLN A 1 81 ? 2.118   2.412   9.052   1.00 42.41 ? 79   GLN A CG  1 
ATOM   655 C CD  . GLN A 1 81 ? 2.722   3.711   8.560   1.00 45.30 ? 79   GLN A CD  1 
ATOM   656 O OE1 . GLN A 1 81 ? 3.783   3.728   7.937   1.00 45.36 ? 79   GLN A OE1 1 
ATOM   657 N NE2 . GLN A 1 81 ? 2.042   4.817   8.852   1.00 46.51 ? 79   GLN A NE2 1 
ATOM   658 N N   . MET A 1 82 ? 2.991   -0.387  5.107   1.00 37.21 ? 80   MET A N   1 
ATOM   659 C CA  . MET A 1 82 ? 2.939   -1.607  4.313   1.00 38.88 ? 80   MET A CA  1 
ATOM   660 C C   . MET A 1 82 ? 4.216   -2.418  4.436   1.00 38.15 ? 80   MET A C   1 
ATOM   661 O O   . MET A 1 82 ? 5.296   -1.876  4.599   1.00 39.84 ? 80   MET A O   1 
ATOM   662 C CB  . MET A 1 82 ? 2.717   -1.237  2.871   1.00 39.93 ? 80   MET A CB  1 
ATOM   663 C CG  . MET A 1 82 ? 1.351   -0.726  2.649   1.00 40.77 ? 80   MET A CG  1 
ATOM   664 S SD  . MET A 1 82 ? 1.168   -0.159  0.970   1.00 45.02 ? 80   MET A SD  1 
ATOM   665 C CE  . MET A 1 82 ? -0.550  -0.519  0.634   1.00 47.04 ? 80   MET A CE  1 
ATOM   666 N N   . GLN A 1 83 ? 4.072   -3.739  4.385   1.00 37.21 ? 81   GLN A N   1 
ATOM   667 C CA  . GLN A 1 83 ? 5.205   -4.612  4.417   1.00 39.95 ? 81   GLN A CA  1 
ATOM   668 C C   . GLN A 1 83 ? 5.129   -5.599  3.267   1.00 39.12 ? 81   GLN A C   1 
ATOM   669 O O   . GLN A 1 83 ? 4.056   -6.148  2.967   1.00 40.47 ? 81   GLN A O   1 
ATOM   670 C CB  A GLN A 1 83 ? 5.242   -5.413  5.723   0.50 40.22 ? 81   GLN A CB  1 
ATOM   671 C CB  B GLN A 1 83 ? 5.269   -5.224  5.810   0.50 40.38 ? 81   GLN A CB  1 
ATOM   672 C CG  A GLN A 1 83 ? 6.427   -6.380  5.840   0.50 42.64 ? 81   GLN A CG  1 
ATOM   673 C CG  B GLN A 1 83 ? 5.171   -6.671  5.938   0.50 42.19 ? 81   GLN A CG  1 
ATOM   674 C CD  A GLN A 1 83 ? 7.596   -5.863  6.675   0.50 45.22 ? 81   GLN A CD  1 
ATOM   675 C CD  B GLN A 1 83 ? 4.830   -7.042  7.370   0.50 41.93 ? 81   GLN A CD  1 
ATOM   676 O OE1 A GLN A 1 83 ? 7.571   -4.746  7.201   0.50 48.04 ? 81   GLN A OE1 1 
ATOM   677 O OE1 B GLN A 1 83 ? 5.257   -6.373  8.324   0.50 43.24 ? 81   GLN A OE1 1 
ATOM   678 N NE2 A GLN A 1 83 ? 8.626   -6.697  6.814   0.50 44.72 ? 81   GLN A NE2 1 
ATOM   679 N NE2 B GLN A 1 83 ? 4.014   -8.073  7.525   0.50 41.73 ? 81   GLN A NE2 1 
ATOM   680 N N   . VAL A 1 84 ? 6.252   -5.792  2.586   1.00 37.71 ? 82   VAL A N   1 
ATOM   681 C CA  . VAL A 1 84 ? 6.337   -6.658  1.439   1.00 39.99 ? 82   VAL A CA  1 
ATOM   682 C C   . VAL A 1 84 ? 7.122   -7.899  1.765   1.00 41.53 ? 82   VAL A C   1 
ATOM   683 O O   . VAL A 1 84 ? 8.177   -7.821  2.391   1.00 42.42 ? 82   VAL A O   1 
ATOM   684 C CB  . VAL A 1 84 ? 7.072   -5.996  0.258   1.00 43.23 ? 82   VAL A CB  1 
ATOM   685 C CG1 . VAL A 1 84 ? 6.926   -6.839  -1.004  1.00 45.02 ? 82   VAL A CG1 1 
ATOM   686 C CG2 . VAL A 1 84 ? 6.536   -4.664  0.047   1.00 45.40 ? 82   VAL A CG2 1 
ATOM   687 N N   . HIS A 1 85 ? 6.615   -9.027  1.283   1.00 42.09 ? 83   HIS A N   1 
ATOM   688 C CA  . HIS A 1 85 ? 7.280   -10.301 1.404   1.00 44.36 ? 83   HIS A CA  1 
ATOM   689 C C   . HIS A 1 85 ? 7.389   -10.901 0.036   1.00 43.78 ? 83   HIS A C   1 
ATOM   690 O O   . HIS A 1 85 ? 6.510   -10.731 -0.803  1.00 42.22 ? 83   HIS A O   1 
ATOM   691 C CB  . HIS A 1 85 ? 6.498   -11.197 2.341   1.00 46.50 ? 83   HIS A CB  1 
ATOM   692 C CG  . HIS A 1 85 ? 6.193   -10.547 3.651   1.00 50.10 ? 83   HIS A CG  1 
ATOM   693 N ND1 . HIS A 1 85 ? 7.083   -10.550 4.706   1.00 54.11 ? 83   HIS A ND1 1 
ATOM   694 C CD2 . HIS A 1 85 ? 5.123   -9.823  4.058   1.00 52.86 ? 83   HIS A CD2 1 
ATOM   695 C CE1 . HIS A 1 85 ? 6.560   -9.877  5.717   1.00 54.83 ? 83   HIS A CE1 1 
ATOM   696 N NE2 . HIS A 1 85 ? 5.365   -9.442  5.356   1.00 54.27 ? 83   HIS A NE2 1 
ATOM   697 N N   . GLU A 1 86 ? 8.507   -11.563 -0.190  1.00 45.86 ? 84   GLU A N   1 
ATOM   698 C CA  . GLU A 1 86 ? 8.795   -12.198 -1.447  1.00 50.84 ? 84   GLU A CA  1 
ATOM   699 C C   . GLU A 1 86 ? 8.017   -13.506 -1.485  1.00 50.55 ? 84   GLU A C   1 
ATOM   700 O O   . GLU A 1 86 ? 7.916   -14.202 -0.468  1.00 52.01 ? 84   GLU A O   1 
ATOM   701 C CB  . GLU A 1 86 ? 10.298  -12.470 -1.521  1.00 52.48 ? 84   GLU A CB  1 
ATOM   702 C CG  . GLU A 1 86 ? 10.871  -12.549 -2.918  1.00 55.25 ? 84   GLU A CG  1 
ATOM   703 C CD  . GLU A 1 86 ? 12.391  -12.436 -2.918  1.00 55.83 ? 84   GLU A CD  1 
ATOM   704 O OE1 . GLU A 1 86 ? 12.971  -12.043 -1.875  1.00 56.12 ? 84   GLU A OE1 1 
ATOM   705 O OE2 . GLU A 1 86 ? 13.004  -12.755 -3.963  1.00 61.28 ? 84   GLU A OE2 1 
ATOM   706 N N   . GLY A 1 87 ? 7.464   -13.833 -2.645  1.00 50.79 ? 85   GLY A N   1 
ATOM   707 C CA  . GLY A 1 87 ? 6.840   -15.141 -2.850  1.00 52.34 ? 85   GLY A CA  1 
ATOM   708 C C   . GLY A 1 87 ? 5.362   -15.177 -2.522  1.00 52.95 ? 85   GLY A C   1 
ATOM   709 O O   . GLY A 1 87 ? 4.675   -14.146 -2.499  1.00 54.04 ? 85   GLY A O   1 
ATOM   710 O OXT . GLY A 1 87 ? 4.823   -16.270 -2.290  1.00 55.71 ? 85   GLY A OXT 1 
HETATM 711 C C1  . GOL B 2 .  ? 11.201  -3.474  9.729   1.00 62.98 ? 1086 GOL A C1  1 
HETATM 712 O O1  . GOL B 2 .  ? 9.912   -3.831  10.179  1.00 64.39 ? 1086 GOL A O1  1 
HETATM 713 C C2  . GOL B 2 .  ? 12.219  -4.608  9.821   1.00 63.30 ? 1086 GOL A C2  1 
HETATM 714 O O2  . GOL B 2 .  ? 13.440  -4.124  9.308   1.00 63.99 ? 1086 GOL A O2  1 
HETATM 715 C C3  . GOL B 2 .  ? 11.808  -5.890  9.087   1.00 63.66 ? 1086 GOL A C3  1 
HETATM 716 O O3  . GOL B 2 .  ? 11.158  -5.635  7.860   1.00 61.84 ? 1086 GOL A O3  1 
HETATM 717 C C1  . GOL C 2 .  ? -4.822  -13.075 4.707   1.00 72.31 ? 1087 GOL A C1  1 
HETATM 718 O O1  . GOL C 2 .  ? -4.240  -12.154 5.607   1.00 71.07 ? 1087 GOL A O1  1 
HETATM 719 C C2  . GOL C 2 .  ? -3.801  -13.997 4.022   1.00 72.72 ? 1087 GOL A C2  1 
HETATM 720 O O2  . GOL C 2 .  ? -3.757  -13.735 2.629   1.00 72.33 ? 1087 GOL A O2  1 
HETATM 721 C C3  . GOL C 2 .  ? -2.396  -13.939 4.636   1.00 72.78 ? 1087 GOL A C3  1 
HETATM 722 O O3  . GOL C 2 .  ? -1.416  -14.152 3.641   1.00 72.99 ? 1087 GOL A O3  1 
HETATM 723 O O   . HOH D 3 .  ? -8.886  15.826  -2.037  1.00 59.87 ? 2001 HOH A O   1 
HETATM 724 O O   . HOH D 3 .  ? -12.149 10.299  1.082   1.00 60.91 ? 2002 HOH A O   1 
HETATM 725 O O   . HOH D 3 .  ? -2.470  14.300  2.304   1.00 49.21 ? 2003 HOH A O   1 
HETATM 726 O O   . HOH D 3 .  ? -4.360  15.792  -1.985  1.00 56.52 ? 2004 HOH A O   1 
HETATM 727 O O   . HOH D 3 .  ? 4.651   11.919  3.280   1.00 51.74 ? 2005 HOH A O   1 
HETATM 728 O O   . HOH D 3 .  ? 0.166   11.751  2.482   1.00 47.52 ? 2006 HOH A O   1 
HETATM 729 O O   . HOH D 3 .  ? 6.760   8.770   5.475   1.00 48.12 ? 2007 HOH A O   1 
HETATM 730 O O   . HOH D 3 .  ? -5.668  -3.805  -13.052 1.00 47.16 ? 2008 HOH A O   1 
HETATM 731 O O   . HOH D 3 .  ? 6.430   0.169   6.470   1.00 33.53 ? 2009 HOH A O   1 
HETATM 732 O O   . HOH D 3 .  ? 15.801  -4.958  1.227   1.00 50.20 ? 2010 HOH A O   1 
HETATM 733 O O   . HOH D 3 .  ? 4.525   -5.832  -12.384 1.00 48.57 ? 2011 HOH A O   1 
HETATM 734 O O   . HOH D 3 .  ? 13.049  -13.448 1.183   1.00 69.65 ? 2012 HOH A O   1 
HETATM 735 O O   . HOH D 3 .  ? 14.742  -7.984  7.888   1.00 59.51 ? 2013 HOH A O   1 
HETATM 736 O O   . HOH D 3 .  ? 18.611  -0.783  4.323   1.00 52.29 ? 2014 HOH A O   1 
HETATM 737 O O   . HOH D 3 .  ? 18.234  -6.879  5.623   1.00 46.57 ? 2015 HOH A O   1 
HETATM 738 O O   . HOH D 3 .  ? 17.318  -4.874  3.505   1.00 38.22 ? 2016 HOH A O   1 
HETATM 739 O O   . HOH D 3 .  ? 17.887  -6.791  10.411  1.00 55.40 ? 2017 HOH A O   1 
HETATM 740 O O   . HOH D 3 .  ? 15.348  -0.285  -3.794  1.00 41.17 ? 2018 HOH A O   1 
HETATM 741 O O   . HOH D 3 .  ? 10.532  5.872   -2.869  1.00 41.39 ? 2019 HOH A O   1 
HETATM 742 O O   . HOH D 3 .  ? 11.399  6.990   0.374   1.00 30.12 ? 2020 HOH A O   1 
HETATM 743 O O   . HOH D 3 .  ? 8.392   9.595   -1.821  1.00 42.28 ? 2021 HOH A O   1 
HETATM 744 O O   . HOH D 3 .  ? -6.149  13.532  -4.505  1.00 47.99 ? 2022 HOH A O   1 
HETATM 745 O O   . HOH D 3 .  ? -0.475  16.038  -4.655  1.00 60.08 ? 2023 HOH A O   1 
HETATM 746 O O   . HOH D 3 .  ? -3.123  15.474  -4.366  1.00 60.37 ? 2024 HOH A O   1 
HETATM 747 O O   . HOH D 3 .  ? -5.515  -6.087  -8.948  1.00 49.56 ? 2025 HOH A O   1 
HETATM 748 O O   . HOH D 3 .  ? -11.097 -4.971  3.144   1.00 63.82 ? 2026 HOH A O   1 
HETATM 749 O O   . HOH D 3 .  ? -8.207  10.262  -4.711  1.00 39.39 ? 2027 HOH A O   1 
HETATM 750 O O   . HOH D 3 .  ? -3.405  8.253   -10.437 1.00 35.23 ? 2028 HOH A O   1 
HETATM 751 O O   . HOH D 3 .  ? -5.579  5.349   -13.291 1.00 47.37 ? 2029 HOH A O   1 
HETATM 752 O O   . HOH D 3 .  ? -2.454  6.330   -12.027 1.00 54.05 ? 2030 HOH A O   1 
HETATM 753 O O   . HOH D 3 .  ? -4.540  -1.362  -13.566 1.00 48.98 ? 2031 HOH A O   1 
HETATM 754 O O   . HOH D 3 .  ? -2.313  -8.907  -5.230  1.00 40.64 ? 2032 HOH A O   1 
HETATM 755 O O   . HOH D 3 .  ? 0.717   -5.283  -10.958 1.00 39.02 ? 2033 HOH A O   1 
HETATM 756 O O   . HOH D 3 .  ? 0.045   -2.675  -13.807 1.00 60.82 ? 2034 HOH A O   1 
HETATM 757 O O   . HOH D 3 .  ? -4.653  3.075   -13.539 1.00 49.06 ? 2035 HOH A O   1 
HETATM 758 O O   . HOH D 3 .  ? 0.709   1.345   -13.329 1.00 44.81 ? 2036 HOH A O   1 
HETATM 759 O O   . HOH D 3 .  ? -2.795  2.413   -15.242 1.00 55.97 ? 2037 HOH A O   1 
HETATM 760 O O   . HOH D 3 .  ? 2.907   1.290   -11.537 1.00 30.69 ? 2038 HOH A O   1 
HETATM 761 O O   . HOH D 3 .  ? 1.497   -0.629  -13.954 1.00 56.48 ? 2039 HOH A O   1 
HETATM 762 O O   . HOH D 3 .  ? 0.426   -9.874  -4.387  1.00 62.45 ? 2040 HOH A O   1 
HETATM 763 O O   . HOH D 3 .  ? 6.563   -4.086  -11.963 1.00 40.84 ? 2041 HOH A O   1 
HETATM 764 O O   . HOH D 3 .  ? 2.772   -6.583  -10.991 1.00 59.10 ? 2042 HOH A O   1 
HETATM 765 O O   . HOH D 3 .  ? 14.258  -3.110  -9.705  1.00 33.43 ? 2043 HOH A O   1 
HETATM 766 O O   . HOH D 3 .  ? 11.014  3.262   -5.986  1.00 43.46 ? 2044 HOH A O   1 
HETATM 767 O O   . HOH D 3 .  ? 15.169  -8.082  -4.578  1.00 48.26 ? 2045 HOH A O   1 
HETATM 768 O O   . HOH D 3 .  ? 15.550  -5.072  -3.033  1.00 51.48 ? 2046 HOH A O   1 
HETATM 769 O O   . HOH D 3 .  ? 17.980  -6.411  -6.665  1.00 48.61 ? 2047 HOH A O   1 
HETATM 770 O O   . HOH D 3 .  ? 13.415  -10.118 -9.540  1.00 51.12 ? 2048 HOH A O   1 
HETATM 771 O O   . HOH D 3 .  ? 9.557   -7.333  -11.642 1.00 58.68 ? 2049 HOH A O   1 
HETATM 772 O O   . HOH D 3 .  ? 9.789   -15.253 -9.326  1.00 68.75 ? 2050 HOH A O   1 
HETATM 773 O O   . HOH D 3 .  ? 10.081  -12.307 -6.003  1.00 53.16 ? 2051 HOH A O   1 
HETATM 774 O O   . HOH D 3 .  ? 12.558  -10.667 -12.293 1.00 56.43 ? 2052 HOH A O   1 
HETATM 775 O O   . HOH D 3 .  ? 2.761   -11.071 -7.041  1.00 51.22 ? 2053 HOH A O   1 
HETATM 776 O O   . HOH D 3 .  ? 4.237   -12.012 7.224   1.00 58.52 ? 2054 HOH A O   1 
HETATM 777 O O   . HOH D 3 .  ? -8.938  -1.867  6.946   1.00 55.97 ? 2055 HOH A O   1 
HETATM 778 O O   . HOH D 3 .  ? -1.367  1.388   7.916   1.00 35.19 ? 2056 HOH A O   1 
HETATM 779 O O   . HOH D 3 .  ? -9.018  -1.521  9.792   1.00 51.38 ? 2057 HOH A O   1 
HETATM 780 O O   . HOH D 3 .  ? -11.317 1.615   7.706   1.00 63.18 ? 2058 HOH A O   1 
HETATM 781 O O   . HOH D 3 .  ? 1.058   -7.424  13.665  1.00 67.40 ? 2059 HOH A O   1 
HETATM 782 O O   . HOH D 3 .  ? 2.808   -2.855  7.815   1.00 42.49 ? 2060 HOH A O   1 
HETATM 783 O O   . HOH D 3 .  ? -7.231  -6.840  3.028   1.00 47.49 ? 2061 HOH A O   1 
HETATM 784 O O   . HOH D 3 .  ? -6.377  -10.448 2.777   1.00 64.22 ? 2062 HOH A O   1 
HETATM 785 O O   . HOH D 3 .  ? -0.224  -8.823  -2.022  1.00 44.47 ? 2063 HOH A O   1 
HETATM 786 O O   . HOH D 3 .  ? -1.767  -11.086 -3.521  1.00 55.12 ? 2064 HOH A O   1 
HETATM 787 O O   . HOH D 3 .  ? -6.536  -13.672 -1.413  1.00 65.38 ? 2065 HOH A O   1 
HETATM 788 O O   . HOH D 3 .  ? -7.679  -12.343 0.947   1.00 68.90 ? 2066 HOH A O   1 
HETATM 789 O O   . HOH D 3 .  ? -12.134 -7.857  -2.972  1.00 59.38 ? 2067 HOH A O   1 
HETATM 790 O O   . HOH D 3 .  ? -5.985  -3.517  -9.746  1.00 32.95 ? 2068 HOH A O   1 
HETATM 791 O O   . HOH D 3 .  ? -7.918  -7.103  -8.285  1.00 43.22 ? 2069 HOH A O   1 
HETATM 792 O O   . HOH D 3 .  ? -8.068  -4.330  2.950   1.00 37.68 ? 2070 HOH A O   1 
HETATM 793 O O   . HOH D 3 .  ? -15.056 1.782   -6.221  1.00 39.49 ? 2071 HOH A O   1 
HETATM 794 O O   . HOH D 3 .  ? -11.058 3.792   -1.377  1.00 45.68 ? 2072 HOH A O   1 
HETATM 795 O O   . HOH D 3 .  ? -13.292 0.504   -8.170  1.00 30.79 ? 2073 HOH A O   1 
HETATM 796 O O   . HOH D 3 .  ? -13.875 2.632   -2.648  1.00 61.68 ? 2074 HOH A O   1 
HETATM 797 O O   . HOH D 3 .  ? -11.578 0.384   5.490   1.00 55.70 ? 2075 HOH A O   1 
HETATM 798 O O   . HOH D 3 .  ? -16.313 2.226   -1.728  1.00 61.54 ? 2076 HOH A O   1 
HETATM 799 O O   . HOH D 3 .  ? -12.516 6.747   4.750   1.00 56.36 ? 2077 HOH A O   1 
HETATM 800 O O   . HOH D 3 .  ? -17.575 3.440   2.387   1.00 59.02 ? 2078 HOH A O   1 
HETATM 801 O O   . HOH D 3 .  ? -1.240  7.466   10.207  1.00 54.88 ? 2079 HOH A O   1 
HETATM 802 O O   . HOH D 3 .  ? -3.287  1.354   11.250  1.00 57.05 ? 2080 HOH A O   1 
HETATM 803 O O   . HOH D 3 .  ? -6.790  11.545  9.321   1.00 57.09 ? 2081 HOH A O   1 
HETATM 804 O O   . HOH D 3 .  ? 0.057   11.661  4.944   1.00 61.13 ? 2082 HOH A O   1 
HETATM 805 O O   . HOH D 3 .  ? -5.419  9.650   1.763   1.00 47.93 ? 2083 HOH A O   1 
HETATM 806 O O   . HOH D 3 .  ? -6.419  15.284  4.455   1.00 63.96 ? 2084 HOH A O   1 
HETATM 807 O O   . HOH D 3 .  ? -2.413  4.133   8.453   1.00 40.54 ? 2085 HOH A O   1 
HETATM 808 O O   . HOH D 3 .  ? 5.978   2.358   8.129   1.00 34.90 ? 2086 HOH A O   1 
HETATM 809 O O   . HOH D 3 .  ? -0.426  4.903   9.996   1.00 55.77 ? 2087 HOH A O   1 
HETATM 810 O O   . HOH D 3 .  ? 5.238   -1.646  8.033   1.00 47.34 ? 2088 HOH A O   1 
HETATM 811 O O   . HOH D 3 .  ? 3.379   -10.578 9.056   1.00 54.86 ? 2089 HOH A O   1 
HETATM 812 O O   . HOH D 3 .  ? 9.923   -7.527  4.455   1.00 37.35 ? 2090 HOH A O   1 
HETATM 813 O O   . HOH D 3 .  ? 5.767   -14.310 1.523   1.00 61.09 ? 2091 HOH A O   1 
HETATM 814 O O   . HOH D 3 .  ? 10.567  -11.723 1.730   1.00 42.69 ? 2092 HOH A O   1 
HETATM 815 O O   . HOH D 3 .  ? 15.101  -10.203 -3.105  1.00 58.24 ? 2093 HOH A O   1 
HETATM 816 O O   . HOH D 3 .  ? 8.287   -2.190  8.915   1.00 48.68 ? 2094 HOH A O   1 
# 
